data_7BBV
#
_entry.id   7BBV
#
_cell.length_a   60.890
_cell.length_b   59.690
_cell.length_c   93.870
_cell.angle_alpha   90.000
_cell.angle_beta   96.350
_cell.angle_gamma   90.000
#
_symmetry.space_group_name_H-M   'P 1 21 1'
#
loop_
_entity.id
_entity.type
_entity.pdbx_description
1 polymer 'Pectate lyase B'
2 non-polymer 'CALCIUM ION'
3 non-polymer alpha-D-mannopyranose
4 non-polymer DI(HYDROXYETHYL)ETHER
5 water water
#
_entity_poly.entity_id   1
_entity_poly.type   'polypeptide(L)'
_entity_poly.pdbx_seq_one_letter_code
;TPTPTIQEDGSPALIAKRASVTESCNIGYASTNGGTTGGKGGATTTVSTLAQFTKAAESSGKLNIVVKGKISGGAKVRVQ
SDKTIIGQKGSELVGTGLYINKVKNVIVRNMKISKVKDSNGDAIGIQASKNVWVDHCDLSSDLKSGKDYYDGLLDITHGS
DWVTVSNTFLHDHFKASLIGHTDSNAKEDKGKLHVTYANNYWYNVNSRNPSVRFGTVHIYNNYYLEVGSSAVNTRMGAQV
RVESTVFDKSTKNGIISVDSKEKGYATVGDISWGSSTNTAPKGTLGSSNIPYSYNLYGKNNVKARVYGTAGQTLGFAAAS
FLEQKLISEEDLNSAVDHHHHHH
;
_entity_poly.pdbx_strand_id   A,B
#
loop_
_chem_comp.id
_chem_comp.type
_chem_comp.name
_chem_comp.formula
CA non-polymer 'CALCIUM ION' 'Ca 2'
MAN D-saccharide, alpha linking alpha-D-mannopyranose 'C6 H12 O6'
PEG non-polymer DI(HYDROXYETHYL)ETHER 'C4 H10 O3'
#
# COMPACT_ATOMS: atom_id res chain seq x y z
N ALA A 19 -24.71 -19.94 -14.26
CA ALA A 19 -23.27 -19.85 -14.05
C ALA A 19 -22.79 -20.89 -13.06
N SER A 20 -21.49 -21.21 -13.12
CA SER A 20 -20.86 -22.18 -12.23
C SER A 20 -19.65 -21.56 -11.53
N VAL A 21 -19.47 -21.97 -10.28
CA VAL A 21 -18.35 -21.49 -9.49
C VAL A 21 -17.04 -21.76 -10.20
N THR A 22 -16.92 -22.90 -10.87
CA THR A 22 -15.62 -23.31 -11.48
C THR A 22 -15.49 -22.92 -12.94
N GLU A 23 -16.28 -22.00 -13.46
CA GLU A 23 -16.00 -21.53 -14.81
C GLU A 23 -14.68 -20.78 -14.81
N SER A 24 -13.83 -21.07 -15.80
CA SER A 24 -12.55 -20.41 -15.97
CA SER A 24 -12.56 -20.39 -15.94
C SER A 24 -12.70 -19.24 -16.92
N CYS A 25 -11.70 -18.36 -16.92
CA CYS A 25 -11.76 -17.19 -17.81
C CYS A 25 -11.69 -17.61 -19.27
N ASN A 26 -12.70 -17.22 -20.05
CA ASN A 26 -12.75 -17.47 -21.49
C ASN A 26 -12.85 -16.17 -22.28
N ILE A 27 -12.40 -15.07 -21.72
CA ILE A 27 -12.51 -13.77 -22.36
C ILE A 27 -11.19 -13.03 -22.17
N GLY A 28 -10.63 -12.48 -23.25
CA GLY A 28 -9.58 -11.51 -23.15
C GLY A 28 -8.24 -12.03 -22.66
N TYR A 29 -7.42 -11.05 -22.25
CA TYR A 29 -6.03 -11.34 -21.93
C TYR A 29 -5.86 -12.29 -20.76
N ALA A 30 -6.76 -12.32 -19.77
CA ALA A 30 -6.61 -13.26 -18.67
C ALA A 30 -6.84 -14.70 -19.12
N SER A 31 -7.36 -14.91 -20.33
CA SER A 31 -7.49 -16.26 -20.87
C SER A 31 -6.21 -16.72 -21.55
N THR A 32 -5.21 -15.85 -21.67
CA THR A 32 -3.96 -16.19 -22.32
C THR A 32 -2.90 -16.47 -21.25
N ASN A 33 -1.69 -16.81 -21.69
CA ASN A 33 -0.53 -16.94 -20.80
C ASN A 33 -0.83 -17.82 -19.59
N GLY A 34 -1.44 -18.96 -19.86
CA GLY A 34 -1.77 -19.95 -18.88
C GLY A 34 -3.21 -19.95 -18.46
N GLY A 35 -3.94 -18.82 -18.69
CA GLY A 35 -5.33 -18.76 -18.32
C GLY A 35 -5.53 -18.44 -16.86
N THR A 36 -6.80 -18.39 -16.47
CA THR A 36 -7.18 -17.99 -15.13
C THR A 36 -8.29 -18.93 -14.64
N THR A 37 -7.98 -19.78 -13.66
CA THR A 37 -8.92 -20.70 -13.09
C THR A 37 -9.26 -20.47 -11.63
N GLY A 38 -8.61 -19.51 -10.96
CA GLY A 38 -8.93 -19.18 -9.58
C GLY A 38 -8.71 -20.38 -8.66
N GLY A 39 -9.74 -20.70 -7.90
CA GLY A 39 -9.71 -21.77 -6.92
C GLY A 39 -10.11 -23.13 -7.45
N LYS A 40 -10.30 -23.27 -8.77
CA LYS A 40 -10.72 -24.56 -9.33
C LYS A 40 -9.76 -25.67 -8.90
N GLY A 41 -10.33 -26.76 -8.40
CA GLY A 41 -9.56 -27.82 -7.81
C GLY A 41 -9.55 -27.81 -6.30
N GLY A 42 -9.91 -26.69 -5.69
CA GLY A 42 -9.96 -26.58 -4.25
C GLY A 42 -11.35 -26.87 -3.70
N ALA A 43 -11.43 -26.72 -2.39
CA ALA A 43 -12.69 -26.82 -1.67
C ALA A 43 -13.51 -25.55 -1.89
N THR A 44 -14.76 -25.59 -1.43
CA THR A 44 -15.68 -24.46 -1.52
C THR A 44 -16.18 -24.12 -0.13
N THR A 45 -16.20 -22.81 0.20
CA THR A 45 -16.69 -22.34 1.47
C THR A 45 -17.63 -21.18 1.21
N THR A 46 -18.65 -21.06 2.05
CA THR A 46 -19.57 -19.93 2.03
C THR A 46 -19.31 -19.08 3.25
N VAL A 47 -19.12 -17.77 3.05
CA VAL A 47 -18.80 -16.84 4.12
C VAL A 47 -19.88 -15.75 4.15
N SER A 48 -20.26 -15.30 5.35
CA SER A 48 -21.34 -14.28 5.54
C SER A 48 -20.90 -13.17 6.50
N THR A 49 -19.66 -13.22 6.99
CA THR A 49 -19.13 -12.23 7.92
C THR A 49 -17.76 -11.79 7.40
N LEU A 50 -17.33 -10.59 7.81
CA LEU A 50 -16.04 -10.08 7.37
C LEU A 50 -14.92 -10.99 7.85
N ALA A 51 -15.02 -11.46 9.09
CA ALA A 51 -13.97 -12.33 9.64
C ALA A 51 -13.85 -13.61 8.84
N GLN A 52 -14.98 -14.21 8.48
CA GLN A 52 -14.93 -15.42 7.67
C GLN A 52 -14.30 -15.10 6.31
N PHE A 53 -14.69 -13.97 5.74
CA PHE A 53 -14.23 -13.63 4.40
C PHE A 53 -12.73 -13.41 4.37
N THR A 54 -12.19 -12.61 5.29
CA THR A 54 -10.77 -12.33 5.20
C THR A 54 -9.96 -13.57 5.50
N LYS A 55 -10.42 -14.40 6.43
CA LYS A 55 -9.70 -15.64 6.69
C LYS A 55 -9.64 -16.50 5.45
N ALA A 56 -10.77 -16.64 4.73
CA ALA A 56 -10.76 -17.47 3.53
C ALA A 56 -9.89 -16.86 2.43
N ALA A 57 -10.06 -15.56 2.18
CA ALA A 57 -9.37 -14.96 1.04
C ALA A 57 -7.87 -14.84 1.25
N GLU A 58 -7.43 -14.69 2.50
CA GLU A 58 -6.03 -14.53 2.82
C GLU A 58 -5.32 -15.86 3.09
N SER A 59 -6.03 -16.96 2.98
CA SER A 59 -5.47 -18.28 3.23
C SER A 59 -4.62 -18.74 2.05
N SER A 60 -3.81 -19.76 2.31
CA SER A 60 -2.94 -20.33 1.28
C SER A 60 -3.61 -21.54 0.66
N GLY A 61 -3.51 -21.65 -0.66
CA GLY A 61 -3.99 -22.79 -1.39
C GLY A 61 -5.26 -22.48 -2.17
N LYS A 62 -5.60 -23.40 -3.04
CA LYS A 62 -6.78 -23.24 -3.89
C LYS A 62 -8.04 -23.22 -3.06
N LEU A 63 -8.91 -22.24 -3.33
CA LEU A 63 -10.15 -22.11 -2.57
C LEU A 63 -11.17 -21.33 -3.37
N ASN A 64 -12.40 -21.86 -3.35
CA ASN A 64 -13.58 -21.19 -3.88
C ASN A 64 -14.39 -20.62 -2.73
N ILE A 65 -14.66 -19.31 -2.79
CA ILE A 65 -15.26 -18.57 -1.70
C ILE A 65 -16.55 -17.98 -2.21
N VAL A 66 -17.68 -18.41 -1.64
CA VAL A 66 -18.99 -17.89 -2.02
C VAL A 66 -19.45 -16.91 -0.94
N VAL A 67 -19.77 -15.69 -1.35
CA VAL A 67 -20.10 -14.63 -0.41
C VAL A 67 -21.61 -14.50 -0.31
N LYS A 68 -22.12 -14.50 0.92
CA LYS A 68 -23.54 -14.51 1.22
C LYS A 68 -23.89 -13.29 2.04
N GLY A 69 -24.92 -12.57 1.60
CA GLY A 69 -25.44 -11.44 2.33
C GLY A 69 -24.55 -10.21 2.22
N LYS A 70 -24.92 -9.22 3.04
CA LYS A 70 -24.22 -7.94 3.07
C LYS A 70 -23.14 -7.96 4.14
N ILE A 71 -21.89 -7.83 3.72
CA ILE A 71 -20.75 -7.76 4.63
C ILE A 71 -20.30 -6.31 4.65
N SER A 72 -20.34 -5.69 5.83
CA SER A 72 -19.99 -4.28 5.97
C SER A 72 -18.82 -4.13 6.92
N GLY A 73 -17.91 -3.24 6.58
CA GLY A 73 -16.79 -2.99 7.45
C GLY A 73 -15.66 -2.39 6.66
N GLY A 74 -14.89 -1.55 7.29
CA GLY A 74 -13.75 -0.93 6.66
C GLY A 74 -12.54 -1.85 6.71
N ALA A 75 -12.14 -2.38 5.56
CA ALA A 75 -11.06 -3.36 5.53
C ALA A 75 -10.41 -3.37 4.16
N LYS A 76 -9.17 -3.83 4.14
CA LYS A 76 -8.38 -4.09 2.93
C LYS A 76 -7.98 -5.56 2.99
N VAL A 77 -8.54 -6.38 2.10
CA VAL A 77 -8.34 -7.83 2.14
C VAL A 77 -7.18 -8.21 1.23
N ARG A 78 -6.17 -8.90 1.79
CA ARG A 78 -4.97 -9.29 1.06
C ARG A 78 -5.21 -10.65 0.40
N VAL A 79 -5.91 -10.60 -0.76
CA VAL A 79 -6.30 -11.80 -1.49
C VAL A 79 -5.07 -12.57 -1.97
N GLN A 80 -5.06 -13.89 -1.71
CA GLN A 80 -3.93 -14.72 -2.09
C GLN A 80 -4.18 -15.37 -3.44
N SER A 81 -3.14 -16.04 -3.94
CA SER A 81 -3.22 -16.69 -5.24
C SER A 81 -4.24 -17.83 -5.21
N ASP A 82 -4.70 -18.19 -6.40
CA ASP A 82 -5.54 -19.38 -6.63
C ASP A 82 -6.87 -19.34 -5.87
N LYS A 83 -7.54 -18.19 -5.99
CA LYS A 83 -8.81 -17.97 -5.32
C LYS A 83 -9.88 -17.60 -6.36
N THR A 84 -11.08 -18.13 -6.12
CA THR A 84 -12.28 -17.67 -6.81
C THR A 84 -13.17 -17.08 -5.73
N ILE A 85 -13.54 -15.81 -5.91
CA ILE A 85 -14.40 -15.09 -4.97
C ILE A 85 -15.67 -14.77 -5.75
N ILE A 86 -16.78 -15.39 -5.36
CA ILE A 86 -18.03 -15.28 -6.11
C ILE A 86 -19.14 -14.81 -5.18
N GLY A 87 -19.89 -13.82 -5.64
CA GLY A 87 -21.04 -13.33 -4.88
C GLY A 87 -22.31 -14.11 -5.22
N GLN A 88 -23.06 -14.42 -4.18
CA GLN A 88 -24.44 -14.84 -4.42
C GLN A 88 -25.26 -13.63 -4.82
N LYS A 89 -26.36 -13.88 -5.53
CA LYS A 89 -27.34 -12.82 -5.74
C LYS A 89 -27.71 -12.19 -4.41
N GLY A 90 -27.74 -10.85 -4.36
CA GLY A 90 -28.07 -10.14 -3.15
C GLY A 90 -26.94 -10.00 -2.16
N SER A 91 -25.75 -10.47 -2.48
CA SER A 91 -24.61 -10.26 -1.59
C SER A 91 -23.92 -8.97 -1.96
N GLU A 92 -23.16 -8.42 -1.00
N GLU A 92 -23.13 -8.46 -1.02
CA GLU A 92 -22.33 -7.26 -1.28
CA GLU A 92 -22.35 -7.23 -1.30
C GLU A 92 -21.32 -7.04 -0.18
C GLU A 92 -21.37 -6.94 -0.17
N LEU A 93 -20.25 -6.33 -0.55
CA LEU A 93 -19.25 -5.82 0.38
C LEU A 93 -19.40 -4.31 0.44
N VAL A 94 -19.54 -3.77 1.66
CA VAL A 94 -19.64 -2.33 1.87
C VAL A 94 -18.45 -1.89 2.71
N GLY A 95 -17.53 -1.14 2.10
CA GLY A 95 -16.36 -0.61 2.78
C GLY A 95 -15.14 -1.52 2.74
N THR A 96 -15.26 -2.74 2.23
CA THR A 96 -14.19 -3.72 2.22
C THR A 96 -13.65 -3.81 0.80
N GLY A 97 -12.39 -3.48 0.65
CA GLY A 97 -11.71 -3.56 -0.64
C GLY A 97 -10.89 -4.83 -0.78
N LEU A 98 -10.71 -5.23 -2.03
CA LEU A 98 -9.91 -6.41 -2.36
C LEU A 98 -8.59 -5.98 -2.96
N TYR A 99 -7.52 -6.40 -2.30
CA TYR A 99 -6.17 -6.00 -2.68
C TYR A 99 -5.45 -7.25 -3.15
N ILE A 100 -5.11 -7.29 -4.44
CA ILE A 100 -4.53 -8.45 -5.11
C ILE A 100 -3.09 -8.08 -5.48
N ASN A 101 -2.13 -8.47 -4.60
CA ASN A 101 -0.79 -7.89 -4.64
C ASN A 101 0.24 -9.03 -4.63
N LYS A 102 1.08 -9.06 -5.67
CA LYS A 102 2.17 -10.05 -5.85
C LYS A 102 1.61 -11.48 -5.83
N VAL A 103 0.44 -11.69 -6.44
CA VAL A 103 -0.20 -12.99 -6.51
C VAL A 103 -0.58 -13.29 -7.97
N LYS A 104 -1.18 -14.45 -8.17
N LYS A 104 -1.18 -14.46 -8.17
CA LYS A 104 -1.60 -14.87 -9.52
CA LYS A 104 -1.58 -14.86 -9.53
C LYS A 104 -2.85 -15.74 -9.45
C LYS A 104 -2.80 -15.77 -9.47
N ASN A 105 -3.56 -15.74 -10.55
CA ASN A 105 -4.68 -16.65 -10.77
C ASN A 105 -5.83 -16.45 -9.77
N VAL A 106 -6.51 -15.31 -9.97
CA VAL A 106 -7.58 -14.88 -9.07
C VAL A 106 -8.79 -14.53 -9.93
N ILE A 107 -9.95 -15.06 -9.54
CA ILE A 107 -11.23 -14.72 -10.15
C ILE A 107 -12.08 -14.00 -9.12
N VAL A 108 -12.60 -12.83 -9.50
CA VAL A 108 -13.58 -12.08 -8.71
C VAL A 108 -14.83 -11.95 -9.58
N ARG A 109 -15.94 -12.56 -9.13
CA ARG A 109 -17.06 -12.73 -10.04
C ARG A 109 -18.40 -12.54 -9.32
N ASN A 110 -19.30 -11.81 -9.97
CA ASN A 110 -20.65 -11.57 -9.42
C ASN A 110 -20.58 -10.89 -8.05
N MET A 111 -19.58 -10.02 -7.86
CA MET A 111 -19.38 -9.33 -6.60
C MET A 111 -19.81 -7.87 -6.73
N LYS A 112 -20.55 -7.41 -5.74
CA LYS A 112 -20.90 -6.00 -5.61
C LYS A 112 -20.09 -5.38 -4.47
N ILE A 113 -19.32 -4.33 -4.79
CA ILE A 113 -18.43 -3.71 -3.81
C ILE A 113 -18.69 -2.23 -3.89
N SER A 114 -18.87 -1.61 -2.73
CA SER A 114 -19.19 -0.19 -2.69
C SER A 114 -18.57 0.56 -1.52
N LYS A 115 -18.26 1.84 -1.78
CA LYS A 115 -17.91 2.80 -0.75
C LYS A 115 -16.72 2.35 0.08
N VAL A 116 -15.63 1.99 -0.58
CA VAL A 116 -14.39 1.63 0.08
C VAL A 116 -13.65 2.94 0.29
N LYS A 117 -13.41 3.29 1.56
CA LYS A 117 -12.71 4.54 1.84
C LYS A 117 -11.28 4.47 1.30
N ASP A 118 -10.76 5.64 0.93
CA ASP A 118 -9.41 5.75 0.39
C ASP A 118 -8.36 5.02 1.24
N SER A 119 -8.44 5.15 2.56
CA SER A 119 -7.48 4.48 3.44
C SER A 119 -7.48 2.97 3.34
N ASN A 120 -8.55 2.37 2.80
CA ASN A 120 -8.63 0.94 2.62
C ASN A 120 -8.29 0.53 1.18
N GLY A 121 -7.77 1.46 0.38
CA GLY A 121 -7.33 1.17 -0.98
C GLY A 121 -8.46 1.24 -2.01
N ASP A 122 -8.28 0.46 -3.06
CA ASP A 122 -9.23 0.45 -4.16
C ASP A 122 -10.28 -0.61 -3.86
N ALA A 123 -11.44 -0.48 -4.53
CA ALA A 123 -12.45 -1.54 -4.44
C ALA A 123 -11.87 -2.89 -4.87
N ILE A 124 -11.21 -2.89 -6.02
CA ILE A 124 -10.36 -3.98 -6.50
C ILE A 124 -9.06 -3.33 -6.92
N GLY A 125 -7.98 -3.69 -6.23
CA GLY A 125 -6.66 -3.16 -6.58
C GLY A 125 -5.76 -4.31 -6.96
N ILE A 126 -5.24 -4.29 -8.18
CA ILE A 126 -4.42 -5.37 -8.72
C ILE A 126 -3.02 -4.79 -8.88
N GLN A 127 -2.07 -5.31 -8.10
CA GLN A 127 -0.72 -4.77 -8.07
C GLN A 127 0.29 -5.90 -8.18
N ALA A 128 1.15 -5.77 -9.19
CA ALA A 128 2.21 -6.75 -9.45
C ALA A 128 1.67 -8.19 -9.47
N SER A 129 0.52 -8.36 -10.12
CA SER A 129 -0.15 -9.64 -10.15
C SER A 129 -0.50 -10.01 -11.58
N LYS A 130 -0.68 -11.33 -11.80
CA LYS A 130 -0.94 -11.84 -13.14
C LYS A 130 -2.11 -12.79 -13.15
N ASN A 131 -2.83 -12.77 -14.28
CA ASN A 131 -3.92 -13.71 -14.53
C ASN A 131 -5.05 -13.51 -13.52
N VAL A 132 -5.79 -12.44 -13.80
CA VAL A 132 -6.84 -11.98 -12.90
C VAL A 132 -8.08 -11.68 -13.74
N TRP A 133 -9.21 -12.24 -13.32
CA TRP A 133 -10.46 -12.08 -14.05
C TRP A 133 -11.49 -11.46 -13.11
N VAL A 134 -11.98 -10.28 -13.49
CA VAL A 134 -13.06 -9.58 -12.81
C VAL A 134 -14.26 -9.65 -13.76
N ASP A 135 -15.30 -10.35 -13.33
CA ASP A 135 -16.44 -10.64 -14.22
C ASP A 135 -17.77 -10.45 -13.48
N HIS A 136 -18.69 -9.73 -14.15
CA HIS A 136 -20.02 -9.49 -13.57
C HIS A 136 -19.97 -8.88 -12.18
N CYS A 137 -19.07 -7.92 -11.99
CA CYS A 137 -19.02 -7.18 -10.75
C CYS A 137 -19.76 -5.86 -10.88
N ASP A 138 -20.03 -5.26 -9.74
CA ASP A 138 -20.73 -3.98 -9.62
C ASP A 138 -19.95 -3.15 -8.61
N LEU A 139 -19.31 -2.09 -9.10
CA LEU A 139 -18.33 -1.34 -8.34
C LEU A 139 -18.73 0.13 -8.36
N SER A 140 -18.76 0.76 -7.18
CA SER A 140 -19.25 2.14 -7.08
C SER A 140 -18.80 2.80 -5.77
N SER A 141 -18.99 4.11 -5.72
CA SER A 141 -18.94 4.83 -4.45
C SER A 141 -20.04 5.88 -4.45
N ASP A 142 -19.67 7.15 -4.35
CA ASP A 142 -20.61 8.21 -4.66
C ASP A 142 -19.82 9.45 -5.07
N LEU A 143 -20.54 10.47 -5.54
CA LEU A 143 -19.92 11.74 -5.94
C LEU A 143 -20.18 12.85 -4.94
N LYS A 144 -20.61 12.49 -3.73
CA LYS A 144 -21.10 13.47 -2.76
C LYS A 144 -20.19 13.65 -1.56
N SER A 145 -19.03 12.98 -1.53
CA SER A 145 -18.15 12.93 -0.37
C SER A 145 -16.79 13.58 -0.62
N GLY A 146 -16.59 14.19 -1.76
CA GLY A 146 -15.34 14.75 -2.20
C GLY A 146 -14.58 13.81 -3.16
N LYS A 147 -13.68 14.41 -3.93
CA LYS A 147 -13.03 13.68 -5.01
C LYS A 147 -12.03 12.64 -4.51
N ASP A 148 -11.46 12.83 -3.34
CA ASP A 148 -10.43 11.91 -2.86
C ASP A 148 -10.89 11.12 -1.63
N TYR A 149 -12.18 11.20 -1.31
CA TYR A 149 -12.74 10.44 -0.19
C TYR A 149 -12.62 8.94 -0.48
N TYR A 150 -12.83 8.57 -1.73
CA TYR A 150 -12.63 7.23 -2.24
C TYR A 150 -11.49 7.26 -3.24
N ASP A 151 -10.85 6.09 -3.45
CA ASP A 151 -9.82 6.06 -4.47
C ASP A 151 -10.31 5.44 -5.78
N GLY A 152 -9.79 4.29 -6.17
CA GLY A 152 -10.19 3.64 -7.41
C GLY A 152 -11.22 2.56 -7.24
N LEU A 153 -11.90 2.27 -8.35
CA LEU A 153 -12.75 1.08 -8.41
C LEU A 153 -12.00 -0.19 -8.83
N LEU A 154 -11.11 -0.01 -9.84
CA LEU A 154 -10.47 -1.17 -10.44
C LEU A 154 -9.14 -0.69 -11.03
N ASP A 155 -8.09 -0.81 -10.22
CA ASP A 155 -6.78 -0.28 -10.61
C ASP A 155 -5.83 -1.44 -10.85
N ILE A 156 -4.95 -1.30 -11.86
CA ILE A 156 -4.07 -2.36 -12.33
C ILE A 156 -2.70 -1.73 -12.57
N THR A 157 -1.73 -2.10 -11.69
CA THR A 157 -0.48 -1.36 -11.61
C THR A 157 0.71 -2.28 -11.31
N HIS A 158 1.90 -1.62 -11.35
CA HIS A 158 3.16 -2.24 -10.92
C HIS A 158 3.45 -3.56 -11.64
N GLY A 159 3.40 -3.51 -12.97
CA GLY A 159 3.83 -4.66 -13.75
C GLY A 159 2.86 -5.83 -13.77
N SER A 160 1.59 -5.62 -13.37
CA SER A 160 0.59 -6.65 -13.52
C SER A 160 0.41 -6.99 -15.00
N ASP A 161 -0.18 -8.15 -15.25
CA ASP A 161 -0.35 -8.57 -16.64
C ASP A 161 -1.46 -9.60 -16.70
N TRP A 162 -2.07 -9.68 -17.91
CA TRP A 162 -3.08 -10.69 -18.25
C TRP A 162 -4.31 -10.56 -17.35
N VAL A 163 -4.96 -9.40 -17.52
CA VAL A 163 -6.16 -9.08 -16.76
C VAL A 163 -7.35 -8.86 -17.71
N THR A 164 -8.50 -9.39 -17.30
CA THR A 164 -9.76 -9.16 -18.01
C THR A 164 -10.78 -8.60 -17.03
N VAL A 165 -11.41 -7.51 -17.46
CA VAL A 165 -12.56 -6.91 -16.77
C VAL A 165 -13.75 -7.10 -17.73
N SER A 166 -14.68 -7.97 -17.36
CA SER A 166 -15.78 -8.28 -18.29
C SER A 166 -17.12 -8.14 -17.57
N ASN A 167 -18.12 -7.72 -18.36
CA ASN A 167 -19.51 -7.76 -17.88
C ASN A 167 -19.71 -7.02 -16.56
N THR A 168 -18.95 -5.95 -16.36
CA THR A 168 -18.88 -5.29 -15.08
C THR A 168 -19.49 -3.89 -15.20
N PHE A 169 -20.14 -3.46 -14.11
CA PHE A 169 -20.82 -2.17 -14.00
C PHE A 169 -20.03 -1.27 -13.06
N LEU A 170 -19.45 -0.21 -13.58
CA LEU A 170 -18.65 0.71 -12.81
C LEU A 170 -19.40 2.03 -12.81
N HIS A 171 -19.71 2.55 -11.60
CA HIS A 171 -20.66 3.68 -11.56
C HIS A 171 -20.48 4.56 -10.33
N ASP A 172 -20.95 5.80 -10.49
CA ASP A 172 -21.18 6.70 -9.34
C ASP A 172 -19.89 6.88 -8.56
N HIS A 173 -18.90 7.45 -9.27
CA HIS A 173 -17.55 7.44 -8.72
C HIS A 173 -16.67 8.41 -9.50
N PHE A 174 -15.73 9.09 -8.83
CA PHE A 174 -14.84 10.00 -9.52
C PHE A 174 -13.79 9.33 -10.40
N LYS A 175 -12.83 8.60 -9.80
CA LYS A 175 -11.64 8.10 -10.52
C LYS A 175 -11.70 6.59 -10.65
N ALA A 176 -12.20 6.08 -11.80
CA ALA A 176 -12.67 4.70 -11.81
C ALA A 176 -11.58 3.62 -11.93
N SER A 177 -10.76 3.71 -13.00
CA SER A 177 -9.88 2.59 -13.35
C SER A 177 -8.55 3.10 -13.90
N LEU A 178 -7.50 2.89 -13.10
CA LEU A 178 -6.14 3.35 -13.37
C LEU A 178 -5.29 2.16 -13.74
N ILE A 179 -4.72 2.19 -14.95
CA ILE A 179 -3.75 1.19 -15.42
C ILE A 179 -2.39 1.86 -15.53
N GLY A 180 -1.47 1.48 -14.60
CA GLY A 180 -0.18 2.15 -14.57
C GLY A 180 -0.21 3.37 -13.67
N HIS A 181 0.55 3.36 -12.57
CA HIS A 181 0.36 4.35 -11.54
C HIS A 181 1.17 5.63 -11.67
N THR A 182 2.20 5.69 -12.51
CA THR A 182 3.02 6.90 -12.57
C THR A 182 3.85 6.88 -13.85
N ASP A 183 4.18 8.08 -14.35
CA ASP A 183 4.94 8.18 -15.58
C ASP A 183 6.35 7.60 -15.46
N SER A 184 6.92 7.59 -14.26
CA SER A 184 8.32 7.20 -14.10
C SER A 184 8.55 5.70 -14.00
N ASN A 185 7.57 4.87 -14.31
CA ASN A 185 7.66 3.45 -13.98
C ASN A 185 7.93 2.56 -15.19
N ALA A 186 8.65 3.07 -16.19
CA ALA A 186 8.87 2.31 -17.43
C ALA A 186 9.51 0.94 -17.19
N LYS A 187 10.59 0.85 -16.42
CA LYS A 187 11.26 -0.44 -16.26
C LYS A 187 10.29 -1.53 -15.85
N GLU A 188 9.40 -1.22 -14.92
CA GLU A 188 8.45 -2.18 -14.40
C GLU A 188 7.24 -2.37 -15.31
N ASP A 189 6.77 -1.30 -15.96
CA ASP A 189 5.48 -1.35 -16.65
C ASP A 189 5.58 -1.51 -18.16
N LYS A 190 6.68 -1.10 -18.79
CA LYS A 190 6.74 -1.19 -20.24
C LYS A 190 6.66 -2.63 -20.69
N GLY A 191 5.80 -2.87 -21.68
CA GLY A 191 5.61 -4.21 -22.18
C GLY A 191 4.70 -5.10 -21.37
N LYS A 192 4.13 -4.58 -20.28
CA LYS A 192 3.22 -5.34 -19.43
C LYS A 192 1.84 -4.68 -19.47
N LEU A 193 1.00 -4.96 -18.45
CA LEU A 193 -0.30 -4.25 -18.36
C LEU A 193 -1.18 -4.47 -19.59
N HIS A 194 -1.30 -5.74 -19.97
CA HIS A 194 -2.25 -6.16 -21.01
C HIS A 194 -3.60 -6.43 -20.34
N VAL A 195 -4.59 -5.62 -20.73
CA VAL A 195 -5.90 -5.65 -20.06
C VAL A 195 -6.99 -5.64 -21.12
N THR A 196 -8.01 -6.47 -20.91
CA THR A 196 -9.21 -6.47 -21.77
C THR A 196 -10.37 -5.90 -20.95
N TYR A 197 -11.12 -5.00 -21.57
CA TYR A 197 -12.40 -4.52 -21.02
C TYR A 197 -13.51 -4.94 -22.01
N ALA A 198 -14.24 -5.98 -21.63
CA ALA A 198 -15.27 -6.58 -22.50
C ALA A 198 -16.65 -6.43 -21.88
N ASN A 199 -17.57 -5.82 -22.64
CA ASN A 199 -19.00 -5.86 -22.28
C ASN A 199 -19.32 -5.11 -20.99
N ASN A 200 -18.60 -4.01 -20.72
CA ASN A 200 -18.79 -3.30 -19.47
C ASN A 200 -19.69 -2.07 -19.67
N TYR A 201 -20.28 -1.64 -18.54
CA TYR A 201 -21.16 -0.49 -18.46
C TYR A 201 -20.57 0.52 -17.47
N TRP A 202 -20.30 1.71 -17.96
CA TRP A 202 -19.74 2.76 -17.11
C TRP A 202 -20.78 3.86 -17.04
N TYR A 203 -21.15 4.28 -15.82
CA TYR A 203 -22.21 5.28 -15.61
C TYR A 203 -21.85 6.30 -14.54
N ASN A 204 -21.92 7.57 -14.89
CA ASN A 204 -21.79 8.62 -13.90
C ASN A 204 -20.45 8.47 -13.18
N VAL A 205 -19.39 8.39 -14.00
CA VAL A 205 -17.99 8.34 -13.57
C VAL A 205 -17.30 9.56 -14.13
N ASN A 206 -16.35 10.13 -13.38
CA ASN A 206 -15.79 11.39 -13.81
C ASN A 206 -14.55 11.26 -14.70
N SER A 207 -13.62 10.39 -14.30
CA SER A 207 -12.34 10.29 -14.99
C SER A 207 -11.78 8.89 -14.81
N ARG A 208 -10.77 8.58 -15.62
CA ARG A 208 -10.02 7.30 -15.62
C ARG A 208 -10.97 6.16 -16.01
N ASN A 209 -11.41 6.16 -17.24
CA ASN A 209 -12.41 5.20 -17.68
C ASN A 209 -12.05 4.38 -18.90
N PRO A 210 -10.89 3.72 -18.93
CA PRO A 210 -9.77 3.79 -17.98
C PRO A 210 -8.72 4.81 -18.38
N SER A 211 -7.81 5.13 -17.42
CA SER A 211 -6.57 5.82 -17.71
C SER A 211 -5.47 4.78 -17.85
N VAL A 212 -4.69 4.87 -18.94
CA VAL A 212 -3.69 3.85 -19.26
C VAL A 212 -2.35 4.53 -19.51
N ARG A 213 -1.33 4.10 -18.74
CA ARG A 213 0.08 4.32 -19.04
C ARG A 213 0.70 2.98 -19.42
N PHE A 214 1.52 2.99 -20.50
CA PHE A 214 2.41 1.88 -20.90
C PHE A 214 1.71 0.66 -21.49
N GLY A 215 0.54 0.29 -20.99
CA GLY A 215 -0.08 -0.98 -21.30
C GLY A 215 -0.64 -1.09 -22.69
N THR A 216 -1.26 -2.25 -22.88
CA THR A 216 -1.95 -2.62 -24.13
C THR A 216 -3.35 -3.01 -23.70
N VAL A 217 -4.32 -2.23 -24.17
CA VAL A 217 -5.67 -2.35 -23.62
C VAL A 217 -6.66 -2.44 -24.78
N HIS A 218 -7.54 -3.44 -24.66
CA HIS A 218 -8.57 -3.71 -25.65
C HIS A 218 -9.93 -3.50 -24.99
N ILE A 219 -10.68 -2.53 -25.52
CA ILE A 219 -12.02 -2.17 -25.00
C ILE A 219 -13.02 -2.49 -26.12
N TYR A 220 -13.98 -3.36 -25.82
CA TYR A 220 -14.96 -3.71 -26.84
C TYR A 220 -16.29 -3.99 -26.16
N ASN A 221 -17.36 -3.62 -26.90
CA ASN A 221 -18.73 -3.78 -26.37
C ASN A 221 -18.97 -3.00 -25.07
N ASN A 222 -18.30 -1.86 -24.90
CA ASN A 222 -18.52 -1.10 -23.67
C ASN A 222 -19.56 -0.02 -23.95
N TYR A 223 -20.37 0.26 -22.92
CA TYR A 223 -21.38 1.31 -22.95
C TYR A 223 -21.02 2.36 -21.91
N TYR A 224 -20.81 3.59 -22.35
CA TYR A 224 -20.44 4.68 -21.47
C TYR A 224 -21.60 5.65 -21.41
N LEU A 225 -22.02 6.04 -20.20
CA LEU A 225 -23.13 6.97 -20.01
C LEU A 225 -22.80 8.03 -18.96
N GLU A 226 -22.91 9.28 -19.34
CA GLU A 226 -22.73 10.39 -18.41
C GLU A 226 -21.33 10.40 -17.76
N VAL A 227 -20.31 10.25 -18.59
CA VAL A 227 -18.92 10.45 -18.18
C VAL A 227 -18.68 11.94 -18.07
N GLY A 228 -18.15 12.38 -16.92
CA GLY A 228 -18.07 13.80 -16.59
C GLY A 228 -16.93 14.57 -17.24
N SER A 229 -15.71 14.09 -17.06
CA SER A 229 -14.53 14.85 -17.43
C SER A 229 -13.68 14.18 -18.50
N SER A 230 -13.43 12.87 -18.39
CA SER A 230 -12.73 12.20 -19.46
C SER A 230 -13.08 10.72 -19.34
N ALA A 231 -13.09 10.05 -20.50
CA ALA A 231 -13.31 8.61 -20.55
C ALA A 231 -11.95 7.95 -20.68
N VAL A 232 -11.53 7.57 -21.88
CA VAL A 232 -10.28 6.83 -22.08
C VAL A 232 -9.14 7.81 -22.22
N ASN A 233 -8.11 7.66 -21.35
CA ASN A 233 -6.89 8.47 -21.47
C ASN A 233 -5.72 7.52 -21.73
N THR A 234 -5.08 7.66 -22.88
CA THR A 234 -3.96 6.82 -23.28
C THR A 234 -2.66 7.62 -23.22
N ARG A 235 -1.68 7.02 -22.51
CA ARG A 235 -0.52 7.77 -22.02
C ARG A 235 0.75 6.90 -22.06
N MET A 236 1.89 7.59 -22.01
CA MET A 236 3.25 7.01 -21.92
C MET A 236 3.40 5.77 -22.82
N GLY A 237 3.08 5.89 -24.10
CA GLY A 237 3.27 4.84 -25.11
C GLY A 237 2.28 3.72 -25.07
N ALA A 238 1.20 3.85 -24.30
CA ALA A 238 0.14 2.86 -24.27
C ALA A 238 -0.42 2.70 -25.67
N GLN A 239 -0.94 1.49 -25.92
CA GLN A 239 -1.69 1.20 -27.14
C GLN A 239 -3.07 0.70 -26.71
N VAL A 240 -4.11 1.51 -27.02
CA VAL A 240 -5.48 1.12 -26.71
C VAL A 240 -6.21 0.90 -28.02
N ARG A 241 -7.10 -0.06 -28.01
CA ARG A 241 -8.02 -0.30 -29.13
C ARG A 241 -9.42 -0.24 -28.53
N VAL A 242 -10.25 0.63 -29.12
CA VAL A 242 -11.64 0.78 -28.67
C VAL A 242 -12.54 0.48 -29.86
N GLU A 243 -13.45 -0.47 -29.69
CA GLU A 243 -14.31 -0.80 -30.84
C GLU A 243 -15.64 -1.31 -30.36
N SER A 244 -16.64 -1.23 -31.26
CA SER A 244 -18.01 -1.68 -30.94
C SER A 244 -18.44 -1.17 -29.56
N THR A 245 -18.37 0.16 -29.44
CA THR A 245 -18.49 0.82 -28.15
C THR A 245 -19.29 2.08 -28.37
N VAL A 246 -20.03 2.47 -27.30
CA VAL A 246 -20.97 3.60 -27.33
C VAL A 246 -20.60 4.62 -26.25
N PHE A 247 -20.49 5.88 -26.65
CA PHE A 247 -20.32 7.01 -25.72
C PHE A 247 -21.63 7.81 -25.76
N ASP A 248 -22.39 7.74 -24.68
CA ASP A 248 -23.74 8.33 -24.62
C ASP A 248 -23.77 9.47 -23.62
N LYS A 249 -24.17 10.67 -24.07
CA LYS A 249 -24.35 11.79 -23.16
C LYS A 249 -23.11 12.01 -22.28
N SER A 250 -21.94 11.99 -22.90
CA SER A 250 -20.67 12.06 -22.20
C SER A 250 -19.81 13.20 -22.70
N THR A 251 -18.80 13.53 -21.90
CA THR A 251 -17.81 14.55 -22.22
C THR A 251 -17.25 14.42 -23.64
N LYS A 252 -16.90 15.58 -24.19
N LYS A 252 -16.82 15.57 -24.15
CA LYS A 252 -16.14 15.64 -25.42
CA LYS A 252 -16.15 15.60 -25.46
C LYS A 252 -14.85 14.83 -25.35
C LYS A 252 -14.83 14.85 -25.35
N ASN A 253 -14.25 14.73 -24.16
CA ASN A 253 -13.00 14.00 -23.93
C ASN A 253 -13.27 12.49 -23.87
N GLY A 254 -13.63 11.93 -25.03
CA GLY A 254 -13.95 10.49 -25.14
C GLY A 254 -12.74 9.58 -25.13
N ILE A 255 -11.80 9.87 -26.03
CA ILE A 255 -10.48 9.24 -26.03
C ILE A 255 -9.49 10.37 -26.18
N ILE A 256 -8.58 10.52 -25.22
CA ILE A 256 -7.63 11.61 -25.17
C ILE A 256 -6.25 11.05 -24.80
N SER A 257 -5.23 11.92 -24.94
CA SER A 257 -3.91 11.63 -24.40
C SER A 257 -3.42 12.88 -23.69
N VAL A 258 -3.50 12.88 -22.35
CA VAL A 258 -3.18 14.05 -21.55
C VAL A 258 -2.54 13.68 -20.22
N ASP A 259 -1.90 14.71 -19.64
CA ASP A 259 -1.42 14.72 -18.27
C ASP A 259 -0.21 13.82 -18.04
N SER A 260 0.44 13.44 -19.09
CA SER A 260 1.71 12.66 -18.97
CA SER A 260 1.67 12.61 -19.00
C SER A 260 2.87 13.18 -19.87
N LYS A 261 4.05 12.77 -19.49
CA LYS A 261 5.29 13.25 -20.14
C LYS A 261 5.45 12.70 -21.57
N GLU A 262 4.84 11.57 -21.93
CA GLU A 262 4.85 11.04 -23.29
C GLU A 262 3.42 10.68 -23.68
N LYS A 263 3.11 10.86 -24.93
CA LYS A 263 1.75 10.58 -25.42
C LYS A 263 1.53 9.07 -25.50
N GLY A 264 0.27 8.69 -25.49
CA GLY A 264 -0.17 7.34 -25.80
C GLY A 264 -1.04 7.37 -27.04
N TYR A 265 -1.43 6.17 -27.50
CA TYR A 265 -2.06 6.00 -28.79
C TYR A 265 -3.37 5.21 -28.64
N ALA A 266 -4.23 5.42 -29.66
CA ALA A 266 -5.50 4.70 -29.72
C ALA A 266 -5.85 4.36 -31.16
N THR A 267 -6.47 3.19 -31.31
CA THR A 267 -7.07 2.80 -32.57
CA THR A 267 -7.05 2.74 -32.57
C THR A 267 -8.53 2.51 -32.32
N VAL A 268 -9.40 2.89 -33.28
CA VAL A 268 -10.83 2.79 -33.05
C VAL A 268 -11.52 2.15 -34.24
N GLY A 269 -12.69 1.60 -33.97
CA GLY A 269 -13.57 1.05 -34.98
C GLY A 269 -14.98 0.89 -34.45
N ASP A 270 -15.97 1.18 -35.30
CA ASP A 270 -17.38 0.94 -34.96
C ASP A 270 -17.74 1.56 -33.60
N ILE A 271 -17.61 2.89 -33.56
CA ILE A 271 -17.95 3.67 -32.38
C ILE A 271 -19.21 4.48 -32.66
N SER A 272 -20.10 4.54 -31.66
CA SER A 272 -21.15 5.55 -31.60
C SER A 272 -20.67 6.65 -30.68
N TRP A 273 -20.37 7.81 -31.23
CA TRP A 273 -19.66 8.88 -30.50
C TRP A 273 -20.55 9.73 -29.59
N GLY A 274 -21.83 9.89 -29.92
CA GLY A 274 -22.64 10.83 -29.16
C GLY A 274 -22.03 12.22 -29.18
N SER A 275 -21.85 12.80 -27.97
CA SER A 275 -21.23 14.11 -27.81
C SER A 275 -19.72 14.03 -27.55
N SER A 276 -19.12 12.83 -27.73
CA SER A 276 -17.72 12.59 -27.43
C SER A 276 -16.87 12.52 -28.70
N THR A 277 -15.57 12.68 -28.53
CA THR A 277 -14.63 12.68 -29.64
C THR A 277 -13.34 11.96 -29.26
N ASN A 278 -12.56 11.64 -30.28
CA ASN A 278 -11.23 11.05 -30.11
C ASN A 278 -10.20 12.06 -30.57
N THR A 279 -9.33 12.49 -29.65
CA THR A 279 -8.22 13.36 -29.98
C THR A 279 -6.86 12.72 -29.68
N ALA A 280 -6.82 11.42 -29.48
CA ALA A 280 -5.56 10.75 -29.20
C ALA A 280 -4.88 10.38 -30.51
N PRO A 281 -3.55 10.34 -30.53
CA PRO A 281 -2.84 9.99 -31.77
C PRO A 281 -3.11 8.56 -32.17
N LYS A 282 -3.10 8.35 -33.49
CA LYS A 282 -3.44 7.05 -34.03
C LYS A 282 -2.39 5.99 -33.70
N GLY A 283 -2.86 4.84 -33.24
CA GLY A 283 -2.00 3.78 -32.82
C GLY A 283 -1.95 2.65 -33.84
N THR A 284 -1.45 1.51 -33.36
CA THR A 284 -1.15 0.35 -34.19
C THR A 284 -1.87 -0.92 -33.78
N LEU A 285 -2.74 -0.86 -32.77
CA LEU A 285 -3.36 -2.05 -32.22
C LEU A 285 -4.60 -2.39 -33.05
N GLY A 286 -4.40 -3.23 -34.08
CA GLY A 286 -5.45 -3.65 -34.97
C GLY A 286 -6.13 -4.91 -34.51
N SER A 287 -7.21 -5.26 -35.26
CA SER A 287 -7.96 -6.49 -35.03
CA SER A 287 -7.95 -6.48 -34.97
C SER A 287 -7.07 -7.73 -35.12
N SER A 288 -6.09 -7.69 -36.04
CA SER A 288 -5.19 -8.82 -36.23
C SER A 288 -4.12 -8.93 -35.17
N ASN A 289 -4.01 -7.95 -34.28
CA ASN A 289 -2.97 -7.94 -33.26
C ASN A 289 -3.46 -8.36 -31.89
N ILE A 290 -4.64 -8.93 -31.79
CA ILE A 290 -5.27 -9.34 -30.51
C ILE A 290 -5.14 -10.81 -30.35
N PRO A 291 -4.53 -11.36 -29.28
CA PRO A 291 -4.17 -12.78 -29.21
C PRO A 291 -5.22 -13.70 -28.62
N TYR A 292 -6.50 -13.36 -28.82
CA TYR A 292 -7.62 -14.16 -28.34
C TYR A 292 -8.80 -13.88 -29.27
N SER A 293 -9.76 -14.80 -29.27
N SER A 293 -9.76 -14.81 -29.26
CA SER A 293 -11.00 -14.58 -30.01
CA SER A 293 -11.05 -14.63 -29.93
C SER A 293 -12.00 -13.81 -29.15
C SER A 293 -11.93 -13.70 -29.12
N TYR A 294 -12.76 -12.94 -29.81
CA TYR A 294 -13.74 -12.09 -29.13
C TYR A 294 -14.95 -11.90 -30.03
N ASN A 295 -16.08 -11.58 -29.40
CA ASN A 295 -17.36 -11.44 -30.13
C ASN A 295 -17.86 -10.02 -30.01
N LEU A 296 -17.81 -9.29 -31.11
CA LEU A 296 -18.29 -7.93 -31.19
C LEU A 296 -19.80 -7.92 -31.41
N TYR A 297 -20.49 -7.08 -30.64
CA TYR A 297 -21.93 -7.00 -30.75
C TYR A 297 -22.36 -6.08 -31.89
N GLY A 298 -21.53 -5.11 -32.27
CA GLY A 298 -21.93 -4.01 -33.13
C GLY A 298 -22.44 -2.83 -32.34
N LYS A 299 -22.00 -1.63 -32.68
CA LYS A 299 -22.29 -0.48 -31.82
C LYS A 299 -23.79 -0.28 -31.58
N ASN A 300 -24.63 -0.59 -32.57
CA ASN A 300 -26.05 -0.33 -32.41
C ASN A 300 -26.76 -1.35 -31.52
N ASN A 301 -26.07 -2.43 -31.11
CA ASN A 301 -26.62 -3.46 -30.27
C ASN A 301 -25.99 -3.51 -28.87
N VAL A 302 -25.01 -2.64 -28.62
CA VAL A 302 -24.25 -2.71 -27.36
C VAL A 302 -25.13 -2.38 -26.17
N LYS A 303 -25.87 -1.27 -26.22
CA LYS A 303 -26.70 -0.90 -25.08
C LYS A 303 -27.68 -2.01 -24.74
N ALA A 304 -28.35 -2.55 -25.76
CA ALA A 304 -29.33 -3.62 -25.52
C ALA A 304 -28.71 -4.87 -24.90
N ARG A 305 -27.50 -5.25 -25.32
CA ARG A 305 -26.87 -6.47 -24.82
C ARG A 305 -26.11 -6.27 -23.50
N VAL A 306 -25.76 -5.04 -23.14
CA VAL A 306 -24.96 -4.74 -21.96
C VAL A 306 -25.80 -4.15 -20.82
N TYR A 307 -26.66 -3.18 -21.11
CA TYR A 307 -27.50 -2.57 -20.08
C TYR A 307 -28.47 -3.61 -19.54
N GLY A 308 -28.40 -3.88 -18.23
CA GLY A 308 -29.13 -4.95 -17.60
C GLY A 308 -28.44 -6.30 -17.56
N THR A 309 -27.33 -6.48 -18.27
CA THR A 309 -26.52 -7.69 -18.18
C THR A 309 -25.25 -7.44 -17.39
N ALA A 310 -24.55 -6.36 -17.71
CA ALA A 310 -23.35 -6.01 -16.93
C ALA A 310 -23.72 -5.80 -15.46
N GLY A 311 -22.85 -6.22 -14.58
CA GLY A 311 -23.06 -6.14 -13.15
C GLY A 311 -23.39 -7.49 -12.56
N GLN A 312 -23.90 -7.45 -11.33
CA GLN A 312 -24.14 -8.65 -10.54
C GLN A 312 -25.47 -9.27 -10.93
N THR A 313 -25.45 -9.96 -12.07
CA THR A 313 -26.67 -10.48 -12.67
C THR A 313 -26.62 -11.99 -12.84
N LEU A 314 -25.65 -12.67 -12.29
CA LEU A 314 -25.51 -14.12 -12.53
C LEU A 314 -26.37 -14.90 -11.54
N GLY A 315 -26.80 -16.09 -11.96
CA GLY A 315 -27.63 -17.02 -11.18
C GLY A 315 -26.89 -18.33 -11.01
N PHE A 316 -26.46 -18.68 -9.80
CA PHE A 316 -25.79 -19.95 -9.46
C PHE A 316 -26.80 -20.80 -8.66
N ALA B 19 -0.51 -8.49 26.50
CA ALA B 19 0.43 -8.75 25.40
C ALA B 19 1.10 -10.10 25.58
N SER B 20 1.57 -10.68 24.50
CA SER B 20 2.25 -11.98 24.50
C SER B 20 3.64 -11.85 23.88
N VAL B 21 4.61 -12.58 24.39
CA VAL B 21 6.00 -12.59 23.89
C VAL B 21 6.02 -12.97 22.41
N THR B 22 5.14 -13.85 21.98
CA THR B 22 5.19 -14.41 20.64
C THR B 22 4.24 -13.71 19.66
N GLU B 23 3.65 -12.57 20.03
CA GLU B 23 2.88 -11.83 19.05
C GLU B 23 3.80 -11.45 17.90
N SER B 24 3.35 -11.72 16.67
CA SER B 24 4.09 -11.31 15.48
CA SER B 24 4.11 -11.30 15.51
C SER B 24 3.67 -9.92 15.03
N CYS B 25 4.44 -9.34 14.13
CA CYS B 25 4.14 -7.99 13.64
C CYS B 25 2.85 -8.00 12.82
N ASN B 26 1.87 -7.20 13.25
CA ASN B 26 0.62 -7.00 12.53
C ASN B 26 0.43 -5.56 12.11
N ILE B 27 1.51 -4.80 11.97
CA ILE B 27 1.45 -3.39 11.65
C ILE B 27 2.51 -3.07 10.61
N GLY B 28 2.12 -2.37 9.54
CA GLY B 28 3.06 -1.73 8.70
C GLY B 28 3.91 -2.64 7.82
N TYR B 29 5.00 -2.06 7.34
CA TYR B 29 5.82 -2.77 6.33
C TYR B 29 6.45 -4.07 6.88
N ALA B 30 6.77 -4.16 8.16
CA ALA B 30 7.36 -5.36 8.73
C ALA B 30 6.39 -6.53 8.78
N SER B 31 5.10 -6.29 8.53
CA SER B 31 4.10 -7.35 8.45
C SER B 31 3.99 -7.90 7.04
N THR B 32 4.74 -7.34 6.09
CA THR B 32 4.73 -7.76 4.68
C THR B 32 6.05 -8.46 4.35
N ASN B 33 6.15 -8.93 3.10
CA ASN B 33 7.38 -9.53 2.58
C ASN B 33 7.89 -10.62 3.51
N GLY B 34 6.97 -11.46 3.92
CA GLY B 34 7.23 -12.58 4.79
C GLY B 34 6.83 -12.35 6.23
N GLY B 35 6.71 -11.08 6.66
CA GLY B 35 6.34 -10.80 8.02
C GLY B 35 7.52 -10.91 8.97
N THR B 36 7.24 -10.62 10.24
CA THR B 36 8.27 -10.57 11.27
C THR B 36 7.76 -11.29 12.50
N THR B 37 8.41 -12.42 12.84
CA THR B 37 8.05 -13.21 14.00
C THR B 37 9.12 -13.27 15.09
N GLY B 38 10.29 -12.72 14.82
CA GLY B 38 11.34 -12.68 15.81
C GLY B 38 11.76 -14.09 16.22
N GLY B 39 11.75 -14.32 17.52
CA GLY B 39 12.19 -15.59 18.08
C GLY B 39 11.11 -16.64 18.20
N LYS B 40 9.92 -16.37 17.67
CA LYS B 40 8.81 -17.31 17.78
C LYS B 40 9.23 -18.69 17.27
N GLY B 41 8.95 -19.69 18.09
CA GLY B 41 9.43 -21.02 17.84
C GLY B 41 10.65 -21.40 18.66
N GLY B 42 11.37 -20.41 19.22
CA GLY B 42 12.51 -20.71 20.06
C GLY B 42 12.18 -20.79 21.53
N ALA B 43 13.23 -21.02 22.32
CA ALA B 43 13.13 -21.01 23.76
C ALA B 43 12.95 -19.58 24.26
N THR B 44 12.65 -19.45 25.55
CA THR B 44 12.54 -18.15 26.20
C THR B 44 13.52 -18.09 27.36
N THR B 45 14.24 -16.96 27.46
CA THR B 45 15.17 -16.71 28.55
C THR B 45 14.90 -15.32 29.11
N THR B 46 15.16 -15.16 30.41
CA THR B 46 15.09 -13.87 31.09
C THR B 46 16.49 -13.48 31.49
N VAL B 47 16.89 -12.26 31.13
CA VAL B 47 18.24 -11.76 31.36
C VAL B 47 18.13 -10.50 32.22
N SER B 48 19.07 -10.30 33.16
CA SER B 48 19.07 -9.17 34.08
C SER B 48 20.42 -8.47 34.13
N THR B 49 21.41 -8.93 33.39
CA THR B 49 22.73 -8.33 33.39
C THR B 49 23.18 -8.15 31.95
N LEU B 50 24.14 -7.25 31.75
CA LEU B 50 24.66 -7.01 30.41
C LEU B 50 25.26 -8.28 29.84
N ALA B 51 26.02 -9.03 30.65
CA ALA B 51 26.65 -10.24 30.14
C ALA B 51 25.61 -11.24 29.66
N GLN B 52 24.56 -11.44 30.45
CA GLN B 52 23.50 -12.34 30.01
C GLN B 52 22.85 -11.81 28.74
N PHE B 53 22.59 -10.49 28.71
CA PHE B 53 21.85 -9.93 27.58
C PHE B 53 22.63 -10.06 26.29
N THR B 54 23.91 -9.67 26.28
CA THR B 54 24.66 -9.71 25.03
C THR B 54 24.90 -11.15 24.59
N LYS B 55 25.00 -12.06 25.57
CA LYS B 55 25.21 -13.51 25.33
C LYS B 55 23.99 -14.07 24.57
N ALA B 56 22.78 -13.69 25.00
CA ALA B 56 21.54 -14.15 24.41
C ALA B 56 21.31 -13.49 23.05
N ALA B 57 21.46 -12.15 23.01
CA ALA B 57 21.10 -11.45 21.79
C ALA B 57 22.06 -11.74 20.65
N GLU B 58 23.32 -12.04 20.95
CA GLU B 58 24.32 -12.31 19.93
C GLU B 58 24.42 -13.79 19.58
N SER B 59 23.58 -14.62 20.19
CA SER B 59 23.60 -16.05 19.92
C SER B 59 22.92 -16.38 18.59
N SER B 60 23.18 -17.59 18.12
CA SER B 60 22.61 -18.08 16.88
C SER B 60 21.34 -18.88 17.16
N GLY B 61 20.31 -18.64 16.36
CA GLY B 61 19.08 -19.41 16.45
C GLY B 61 17.93 -18.60 17.03
N LYS B 62 16.74 -19.17 16.91
CA LYS B 62 15.54 -18.54 17.42
C LYS B 62 15.61 -18.44 18.93
N LEU B 63 15.27 -17.26 19.45
CA LEU B 63 15.30 -17.04 20.88
C LEU B 63 14.45 -15.81 21.24
N ASN B 64 13.69 -15.98 22.31
CA ASN B 64 12.92 -14.92 22.96
C ASN B 64 13.65 -14.52 24.22
N ILE B 65 13.95 -13.22 24.33
CA ILE B 65 14.78 -12.67 25.38
C ILE B 65 13.94 -11.65 26.13
N VAL B 66 13.66 -11.92 27.40
CA VAL B 66 12.91 -11.01 28.26
C VAL B 66 13.91 -10.29 29.14
N VAL B 67 13.88 -8.96 29.10
CA VAL B 67 14.84 -8.14 29.82
C VAL B 67 14.23 -7.69 31.12
N LYS B 68 14.97 -7.88 32.22
CA LYS B 68 14.49 -7.59 33.55
C LYS B 68 15.42 -6.59 34.21
N GLY B 69 14.84 -5.55 34.78
CA GLY B 69 15.60 -4.57 35.53
C GLY B 69 16.37 -3.59 34.68
N LYS B 70 17.22 -2.83 35.33
CA LYS B 70 18.02 -1.79 34.70
C LYS B 70 19.36 -2.36 34.33
N ILE B 71 19.66 -2.39 33.05
CA ILE B 71 20.97 -2.85 32.57
C ILE B 71 21.77 -1.63 32.12
N SER B 72 22.84 -1.26 32.81
CA SER B 72 23.68 -0.10 32.45
C SER B 72 25.00 -0.58 31.89
N GLY B 73 25.61 0.19 31.02
CA GLY B 73 26.92 -0.08 30.45
C GLY B 73 26.97 0.39 29.04
N GLY B 74 28.08 0.94 28.63
CA GLY B 74 28.32 1.36 27.27
C GLY B 74 28.71 0.18 26.39
N ALA B 75 27.80 -0.23 25.52
CA ALA B 75 28.00 -1.42 24.72
C ALA B 75 27.15 -1.30 23.46
N LYS B 76 27.58 -1.97 22.41
CA LYS B 76 26.90 -2.06 21.11
C LYS B 76 26.55 -3.54 20.91
N VAL B 77 25.31 -3.93 21.11
CA VAL B 77 24.92 -5.34 21.09
C VAL B 77 24.58 -5.75 19.66
N ARG B 78 25.28 -6.73 19.14
N ARG B 78 25.34 -6.71 19.14
CA ARG B 78 25.14 -7.22 17.75
CA ARG B 78 25.14 -7.21 17.76
C ARG B 78 24.00 -8.23 17.69
C ARG B 78 24.01 -8.23 17.78
N VAL B 79 22.78 -7.76 17.65
CA VAL B 79 21.59 -8.61 17.68
C VAL B 79 21.55 -9.51 16.45
N GLN B 80 21.33 -10.82 16.65
CA GLN B 80 21.34 -11.72 15.51
C GLN B 80 19.92 -11.93 14.96
N SER B 81 19.83 -12.64 13.86
CA SER B 81 18.52 -12.89 13.25
C SER B 81 17.64 -13.73 14.18
N ASP B 82 16.32 -13.62 13.96
CA ASP B 82 15.32 -14.47 14.61
C ASP B 82 15.31 -14.31 16.14
N LYS B 83 15.30 -13.06 16.59
CA LYS B 83 15.30 -12.73 17.99
C LYS B 83 14.08 -11.86 18.31
N THR B 84 13.48 -12.12 19.45
CA THR B 84 12.51 -11.21 20.06
C THR B 84 13.14 -10.72 21.34
N ILE B 85 13.29 -9.40 21.46
CA ILE B 85 13.84 -8.78 22.66
C ILE B 85 12.70 -7.97 23.27
N ILE B 86 12.23 -8.39 24.45
CA ILE B 86 11.06 -7.81 25.08
C ILE B 86 11.45 -7.32 26.48
N GLY B 87 11.06 -6.09 26.79
CA GLY B 87 11.25 -5.55 28.13
C GLY B 87 10.07 -5.83 29.04
N GLN B 88 10.39 -6.21 30.27
CA GLN B 88 9.36 -6.13 31.29
C GLN B 88 9.15 -4.68 31.74
N LYS B 89 7.98 -4.45 32.29
CA LYS B 89 7.64 -3.17 32.88
C LYS B 89 8.75 -2.84 33.84
N GLY B 90 9.26 -1.64 33.75
CA GLY B 90 10.32 -1.24 34.65
C GLY B 90 11.72 -1.61 34.26
N SER B 91 11.90 -2.29 33.13
CA SER B 91 13.24 -2.59 32.64
C SER B 91 13.72 -1.44 31.78
N GLU B 92 15.03 -1.38 31.60
CA GLU B 92 15.64 -0.45 30.68
C GLU B 92 17.09 -0.80 30.45
N LEU B 93 17.58 -0.32 29.32
CA LEU B 93 18.96 -0.31 28.95
C LEU B 93 19.45 1.14 29.05
N VAL B 94 20.56 1.34 29.78
CA VAL B 94 21.16 2.67 29.91
C VAL B 94 22.56 2.63 29.34
N GLY B 95 22.76 3.27 28.20
CA GLY B 95 24.04 3.33 27.54
C GLY B 95 24.32 2.20 26.57
N THR B 96 23.46 1.20 26.53
CA THR B 96 23.63 -0.01 25.72
C THR B 96 22.65 0.07 24.56
N GLY B 97 23.21 0.12 23.36
CA GLY B 97 22.45 0.21 22.14
C GLY B 97 22.36 -1.13 21.43
N LEU B 98 21.39 -1.23 20.55
CA LEU B 98 21.12 -2.42 19.76
C LEU B 98 21.55 -2.17 18.32
N TYR B 99 22.42 -3.05 17.81
CA TYR B 99 22.93 -2.93 16.45
C TYR B 99 22.43 -4.13 15.68
N ILE B 100 21.53 -3.88 14.73
CA ILE B 100 20.87 -4.93 13.96
C ILE B 100 21.44 -4.81 12.57
N ASN B 101 22.48 -5.61 12.31
CA ASN B 101 23.35 -5.41 11.16
C ASN B 101 23.45 -6.70 10.34
N LYS B 102 23.02 -6.63 9.08
CA LYS B 102 23.08 -7.76 8.16
C LYS B 102 22.36 -8.99 8.68
N VAL B 103 21.19 -8.78 9.30
CA VAL B 103 20.35 -9.83 9.84
C VAL B 103 18.92 -9.62 9.36
N LYS B 104 17.96 -10.42 9.79
CA LYS B 104 16.54 -10.39 9.44
C LYS B 104 15.70 -10.96 10.56
N ASN B 105 14.53 -10.52 10.61
CA ASN B 105 13.47 -11.07 11.47
C ASN B 105 13.78 -10.87 12.96
N VAL B 106 13.67 -9.59 13.36
CA VAL B 106 13.98 -9.15 14.71
C VAL B 106 12.82 -8.29 15.24
N ILE B 107 12.35 -8.62 16.44
CA ILE B 107 11.36 -7.83 17.16
C ILE B 107 12.02 -7.22 18.39
N VAL B 108 11.89 -5.89 18.54
CA VAL B 108 12.31 -5.17 19.75
C VAL B 108 11.06 -4.51 20.31
N ARG B 109 10.66 -4.90 21.53
CA ARG B 109 9.32 -4.60 21.98
C ARG B 109 9.28 -4.28 23.46
N ASN B 110 8.57 -3.19 23.82
CA ASN B 110 8.45 -2.77 25.23
C ASN B 110 9.81 -2.51 25.85
N MET B 111 10.77 -2.00 25.08
CA MET B 111 12.15 -1.77 25.58
C MET B 111 12.44 -0.28 25.73
N LYS B 112 12.95 0.13 26.89
CA LYS B 112 13.38 1.50 27.17
C LYS B 112 14.90 1.57 27.03
N ILE B 113 15.36 2.42 26.14
CA ILE B 113 16.77 2.55 25.81
C ILE B 113 17.12 4.02 25.88
N SER B 114 18.19 4.34 26.61
CA SER B 114 18.54 5.75 26.82
C SER B 114 20.04 5.99 26.85
N LYS B 115 20.42 7.17 26.37
CA LYS B 115 21.75 7.73 26.53
C LYS B 115 22.84 6.82 26.00
N VAL B 116 22.65 6.38 24.77
CA VAL B 116 23.64 5.59 24.05
C VAL B 116 24.58 6.55 23.33
N LYS B 117 25.84 6.51 23.73
CA LYS B 117 26.82 7.40 23.14
C LYS B 117 27.11 7.03 21.71
N ASP B 118 27.45 8.03 20.93
CA ASP B 118 27.82 7.83 19.53
C ASP B 118 28.83 6.71 19.39
N SER B 119 29.80 6.64 20.30
CA SER B 119 30.80 5.58 20.24
C SER B 119 30.18 4.17 20.27
N ASN B 120 29.02 4.01 20.90
CA ASN B 120 28.35 2.72 21.05
C ASN B 120 27.23 2.54 20.03
N GLY B 121 27.22 3.37 18.98
CA GLY B 121 26.22 3.28 17.94
C GLY B 121 25.00 4.11 18.26
N ASP B 122 23.86 3.68 17.76
CA ASP B 122 22.55 4.28 17.97
C ASP B 122 21.80 3.51 19.04
N ALA B 123 20.75 4.12 19.60
CA ALA B 123 19.90 3.38 20.50
C ALA B 123 19.38 2.11 19.84
N ILE B 124 18.83 2.26 18.64
CA ILE B 124 18.50 1.16 17.74
C ILE B 124 19.04 1.53 16.38
N GLY B 125 20.00 0.75 15.90
CA GLY B 125 20.56 0.95 14.59
C GLY B 125 20.30 -0.25 13.70
N ILE B 126 19.58 -0.04 12.61
CA ILE B 126 19.18 -1.09 11.70
C ILE B 126 19.95 -0.84 10.41
N GLN B 127 20.85 -1.76 10.09
CA GLN B 127 21.77 -1.58 8.97
C GLN B 127 21.78 -2.84 8.12
N ALA B 128 21.47 -2.68 6.84
CA ALA B 128 21.46 -3.80 5.88
C ALA B 128 20.66 -4.99 6.42
N SER B 129 19.53 -4.70 7.05
CA SER B 129 18.71 -5.72 7.67
C SER B 129 17.27 -5.59 7.19
N LYS B 130 16.51 -6.72 7.29
CA LYS B 130 15.15 -6.77 6.81
C LYS B 130 14.21 -7.40 7.80
N ASN B 131 12.95 -6.90 7.78
CA ASN B 131 11.87 -7.45 8.60
C ASN B 131 12.19 -7.27 10.09
N VAL B 132 12.03 -6.01 10.49
CA VAL B 132 12.36 -5.57 11.85
C VAL B 132 11.19 -4.77 12.39
N TRP B 133 10.72 -5.15 13.57
CA TRP B 133 9.59 -4.51 14.24
C TRP B 133 10.06 -3.93 15.57
N VAL B 134 9.95 -2.60 15.68
CA VAL B 134 10.19 -1.87 16.91
C VAL B 134 8.82 -1.40 17.40
N ASP B 135 8.39 -1.90 18.55
CA ASP B 135 7.02 -1.68 19.01
C ASP B 135 7.02 -1.35 20.50
N HIS B 136 6.28 -0.28 20.89
CA HIS B 136 6.14 0.08 22.32
C HIS B 136 7.49 0.30 22.98
N CYS B 137 8.41 0.93 22.28
CA CYS B 137 9.70 1.30 22.83
C CYS B 137 9.70 2.75 23.28
N ASP B 138 10.70 3.07 24.09
CA ASP B 138 10.89 4.40 24.68
C ASP B 138 12.36 4.71 24.49
N LEU B 139 12.66 5.66 23.63
CA LEU B 139 14.00 5.93 23.16
C LEU B 139 14.30 7.40 23.41
N SER B 140 15.46 7.69 24.03
CA SER B 140 15.77 9.08 24.43
C SER B 140 17.26 9.23 24.68
N SER B 141 17.70 10.49 24.79
CA SER B 141 19.00 10.81 25.39
C SER B 141 18.86 12.04 26.29
N ASP B 142 19.51 13.12 25.92
CA ASP B 142 19.28 14.42 26.53
C ASP B 142 19.73 15.50 25.55
N LEU B 143 19.41 16.75 25.87
CA LEU B 143 19.76 17.92 25.03
C LEU B 143 20.87 18.77 25.67
N LYS B 144 21.67 18.18 26.58
CA LYS B 144 22.71 18.92 27.33
C LYS B 144 24.13 18.49 26.96
N SER B 145 24.33 17.68 25.91
CA SER B 145 25.68 17.24 25.50
C SER B 145 25.98 17.65 24.07
N GLY B 146 25.19 18.51 23.45
CA GLY B 146 25.49 18.83 22.09
C GLY B 146 24.81 17.87 21.14
N LYS B 147 24.80 18.25 19.89
CA LYS B 147 24.09 17.51 18.83
C LYS B 147 24.74 16.18 18.49
N ASP B 148 26.01 15.99 18.83
CA ASP B 148 26.67 14.78 18.35
C ASP B 148 27.23 13.85 19.42
N TYR B 149 27.02 14.12 20.70
CA TYR B 149 27.48 13.21 21.76
C TYR B 149 26.73 11.89 21.67
N TYR B 150 25.44 11.98 21.37
CA TYR B 150 24.62 10.84 21.03
C TYR B 150 24.34 10.96 19.55
N ASP B 151 24.17 9.81 18.89
CA ASP B 151 23.89 9.85 17.46
C ASP B 151 22.37 9.73 17.29
N GLY B 152 21.92 8.60 16.75
CA GLY B 152 20.51 8.42 16.50
C GLY B 152 19.80 7.61 17.55
N LEU B 153 18.48 7.79 17.61
CA LEU B 153 17.59 6.92 18.34
C LEU B 153 17.18 5.70 17.53
N LEU B 154 16.89 5.91 16.24
CA LEU B 154 16.34 4.82 15.42
C LEU B 154 16.75 5.08 13.98
N ASP B 155 17.89 4.53 13.58
CA ASP B 155 18.45 4.79 12.28
C ASP B 155 18.32 3.53 11.42
N ILE B 156 18.01 3.72 10.16
CA ILE B 156 17.64 2.64 9.24
C ILE B 156 18.40 2.93 7.96
N THR B 157 19.41 2.10 7.65
CA THR B 157 20.34 2.48 6.62
C THR B 157 20.87 1.26 5.84
N HIS B 158 21.63 1.59 4.77
CA HIS B 158 22.38 0.59 4.00
C HIS B 158 21.51 -0.53 3.45
N GLY B 159 20.45 -0.14 2.75
CA GLY B 159 19.63 -1.08 2.04
C GLY B 159 18.70 -1.91 2.90
N SER B 160 18.45 -1.47 4.13
CA SER B 160 17.47 -2.16 4.98
C SER B 160 16.09 -2.07 4.34
N ASP B 161 15.18 -2.93 4.79
CA ASP B 161 13.85 -2.97 4.21
C ASP B 161 12.86 -3.63 5.17
N TRP B 162 11.57 -3.27 4.99
CA TRP B 162 10.44 -3.86 5.70
C TRP B 162 10.58 -3.67 7.21
N VAL B 163 10.51 -2.39 7.61
CA VAL B 163 10.65 -1.97 9.01
C VAL B 163 9.38 -1.25 9.46
N THR B 164 8.93 -1.61 10.67
CA THR B 164 7.83 -0.93 11.34
C THR B 164 8.34 -0.40 12.67
N VAL B 165 8.05 0.88 12.92
CA VAL B 165 8.25 1.56 14.21
C VAL B 165 6.85 1.96 14.66
N SER B 166 6.33 1.27 15.65
CA SER B 166 4.96 1.44 16.11
C SER B 166 4.90 1.69 17.62
N ASN B 167 3.90 2.48 18.00
CA ASN B 167 3.56 2.70 19.41
C ASN B 167 4.75 3.14 20.25
N THR B 168 5.67 3.89 19.66
CA THR B 168 6.96 4.18 20.26
C THR B 168 7.03 5.66 20.61
N PHE B 169 7.72 5.94 21.74
CA PHE B 169 7.87 7.28 22.32
C PHE B 169 9.33 7.67 22.12
N LEU B 170 9.58 8.65 21.25
CA LEU B 170 10.91 9.11 20.91
C LEU B 170 11.04 10.52 21.46
N HIS B 171 12.04 10.78 22.32
CA HIS B 171 12.02 12.04 23.08
C HIS B 171 13.39 12.47 23.53
N ASP B 172 13.49 13.79 23.78
CA ASP B 172 14.62 14.38 24.53
C ASP B 172 15.94 14.01 23.86
N HIS B 173 16.08 14.47 22.63
CA HIS B 173 17.15 14.03 21.77
C HIS B 173 17.27 14.95 20.56
N PHE B 174 18.49 15.15 20.08
CA PHE B 174 18.67 16.05 18.94
C PHE B 174 18.24 15.41 17.61
N LYS B 175 18.99 14.47 17.06
CA LYS B 175 18.76 13.86 15.71
C LYS B 175 18.14 12.46 15.86
N ALA B 176 16.83 12.36 15.70
CA ALA B 176 16.15 11.17 16.17
C ALA B 176 16.27 9.94 15.24
N SER B 177 15.88 10.08 13.97
CA SER B 177 15.70 8.90 13.12
C SER B 177 16.13 9.21 11.69
N LEU B 178 17.20 8.59 11.25
CA LEU B 178 17.79 8.76 9.94
C LEU B 178 17.48 7.53 9.10
N ILE B 179 16.82 7.74 7.97
CA ILE B 179 16.54 6.66 7.01
C ILE B 179 17.35 6.98 5.77
N GLY B 180 18.40 6.19 5.52
CA GLY B 180 19.30 6.45 4.40
C GLY B 180 20.40 7.41 4.78
N HIS B 181 21.66 6.96 4.80
CA HIS B 181 22.73 7.72 5.44
C HIS B 181 23.46 8.70 4.53
N THR B 182 23.30 8.65 3.22
CA THR B 182 24.05 9.57 2.37
C THR B 182 23.44 9.68 0.98
N ASP B 183 23.63 10.86 0.36
CA ASP B 183 23.10 11.09 -0.98
C ASP B 183 23.74 10.20 -2.02
N SER B 184 24.94 9.69 -1.76
CA SER B 184 25.67 8.92 -2.76
C SER B 184 25.29 7.45 -2.79
N ASN B 185 24.30 7.01 -2.03
CA ASN B 185 24.04 5.56 -1.85
C ASN B 185 22.87 5.02 -2.65
N ALA B 186 22.58 5.56 -3.83
CA ALA B 186 21.42 5.13 -4.64
C ALA B 186 21.47 3.64 -4.98
N LYS B 187 22.64 3.13 -5.31
CA LYS B 187 22.76 1.72 -5.72
C LYS B 187 22.23 0.81 -4.62
N GLU B 188 22.59 1.08 -3.39
CA GLU B 188 22.17 0.24 -2.26
C GLU B 188 20.75 0.55 -1.75
N ASP B 189 20.37 1.83 -1.77
CA ASP B 189 19.17 2.31 -1.06
C ASP B 189 17.97 2.55 -1.97
N LYS B 190 18.15 2.85 -3.26
CA LYS B 190 16.99 3.12 -4.11
C LYS B 190 16.14 1.85 -4.22
N GLY B 191 14.83 2.01 -4.07
CA GLY B 191 13.88 0.91 -4.11
C GLY B 191 13.78 0.09 -2.83
N LYS B 192 14.51 0.49 -1.77
CA LYS B 192 14.50 -0.17 -0.48
C LYS B 192 13.96 0.81 0.56
N LEU B 193 14.29 0.56 1.84
CA LEU B 193 13.98 1.50 2.91
C LEU B 193 12.49 1.81 2.98
N HIS B 194 11.69 0.77 2.98
CA HIS B 194 10.25 0.87 3.25
C HIS B 194 10.04 0.81 4.76
N VAL B 195 9.54 1.92 5.32
CA VAL B 195 9.40 2.06 6.77
C VAL B 195 8.01 2.61 7.09
N THR B 196 7.38 1.99 8.09
CA THR B 196 6.14 2.52 8.66
C THR B 196 6.42 3.10 10.05
N TYR B 197 5.84 4.26 10.30
CA TYR B 197 5.79 4.90 11.62
C TYR B 197 4.32 5.00 12.01
N ALA B 198 3.86 4.12 12.87
CA ALA B 198 2.45 4.04 13.27
C ALA B 198 2.27 4.34 14.76
N ASN B 199 1.42 5.32 15.05
CA ASN B 199 0.95 5.55 16.43
C ASN B 199 2.09 5.98 17.38
N ASN B 200 3.06 6.71 16.89
CA ASN B 200 4.21 7.14 17.68
C ASN B 200 4.01 8.57 18.22
N TYR B 201 4.75 8.84 19.30
CA TYR B 201 4.74 10.13 19.99
C TYR B 201 6.18 10.63 20.02
N TRP B 202 6.40 11.81 19.49
CA TRP B 202 7.69 12.43 19.39
C TRP B 202 7.66 13.70 20.22
N TYR B 203 8.61 13.85 21.15
CA TYR B 203 8.58 14.97 22.07
C TYR B 203 9.97 15.53 22.31
N ASN B 204 10.11 16.84 22.14
CA ASN B 204 11.34 17.50 22.49
C ASN B 204 12.53 16.90 21.74
N VAL B 205 12.37 16.81 20.41
CA VAL B 205 13.37 16.36 19.47
C VAL B 205 13.66 17.49 18.51
N ASN B 206 14.87 17.54 17.98
CA ASN B 206 15.27 18.71 17.19
C ASN B 206 15.14 18.52 15.68
N SER B 207 15.62 17.40 15.15
CA SER B 207 15.66 17.18 13.71
C SER B 207 15.63 15.68 13.45
N ARG B 208 15.41 15.34 12.15
CA ARG B 208 15.35 13.95 11.65
C ARG B 208 14.22 13.17 12.31
N ASN B 209 12.98 13.64 12.03
CA ASN B 209 11.82 13.06 12.69
C ASN B 209 10.74 12.50 11.76
N PRO B 210 11.10 11.66 10.81
CA PRO B 210 12.41 11.21 10.37
C PRO B 210 13.00 12.01 9.25
N SER B 211 14.30 11.84 9.00
CA SER B 211 14.92 12.29 7.75
C SER B 211 15.03 11.10 6.82
N VAL B 212 14.55 11.21 5.59
N VAL B 212 14.56 11.25 5.58
CA VAL B 212 14.56 10.05 4.71
CA VAL B 212 14.45 10.16 4.62
C VAL B 212 15.10 10.38 3.33
C VAL B 212 15.21 10.51 3.34
N ARG B 213 16.11 9.62 2.92
CA ARG B 213 16.64 9.58 1.57
C ARG B 213 16.18 8.28 0.91
N PHE B 214 15.72 8.40 -0.35
CA PHE B 214 15.44 7.29 -1.26
C PHE B 214 14.22 6.44 -0.94
N GLY B 215 13.93 6.22 0.34
CA GLY B 215 12.97 5.22 0.75
C GLY B 215 11.51 5.63 0.54
N THR B 216 10.64 4.76 1.05
CA THR B 216 9.20 4.92 1.01
C THR B 216 8.71 4.80 2.44
N VAL B 217 8.14 5.91 2.95
CA VAL B 217 7.86 5.99 4.38
C VAL B 217 6.42 6.45 4.61
N HIS B 218 5.71 5.71 5.45
CA HIS B 218 4.32 5.98 5.80
C HIS B 218 4.23 6.30 7.28
N ILE B 219 3.75 7.50 7.58
CA ILE B 219 3.61 8.00 8.96
C ILE B 219 2.13 8.28 9.19
N TYR B 220 1.55 7.58 10.15
CA TYR B 220 0.15 7.77 10.46
C TYR B 220 -0.10 7.65 11.97
N ASN B 221 -1.09 8.42 12.43
CA ASN B 221 -1.44 8.49 13.86
C ASN B 221 -0.26 8.95 14.73
N ASN B 222 0.64 9.76 14.18
CA ASN B 222 1.78 10.24 14.96
C ASN B 222 1.43 11.58 15.60
N TYR B 223 2.01 11.80 16.78
CA TYR B 223 1.85 13.05 17.54
C TYR B 223 3.23 13.65 17.72
N TYR B 224 3.42 14.85 17.21
CA TYR B 224 4.68 15.56 17.28
C TYR B 224 4.51 16.75 18.24
N LEU B 225 5.38 16.84 19.23
CA LEU B 225 5.31 17.89 20.27
C LEU B 225 6.68 18.53 20.47
N GLU B 226 6.73 19.86 20.35
CA GLU B 226 7.95 20.59 20.63
C GLU B 226 9.14 20.10 19.80
N VAL B 227 8.93 19.93 18.49
CA VAL B 227 10.01 19.69 17.56
C VAL B 227 10.69 21.02 17.29
N GLY B 228 12.03 21.05 17.45
CA GLY B 228 12.74 22.32 17.42
C GLY B 228 13.05 22.90 16.06
N SER B 229 13.68 22.11 15.18
CA SER B 229 14.27 22.61 13.95
CA SER B 229 14.24 22.64 13.95
C SER B 229 13.63 22.07 12.68
N SER B 230 13.30 20.78 12.65
CA SER B 230 12.64 20.20 11.50
C SER B 230 12.02 18.87 11.97
N ALA B 231 10.87 18.54 11.41
CA ALA B 231 10.27 17.24 11.66
C ALA B 231 10.61 16.30 10.51
N VAL B 232 9.71 16.14 9.52
CA VAL B 232 9.91 15.20 8.42
C VAL B 232 10.71 15.88 7.31
N ASN B 233 11.82 15.27 6.91
CA ASN B 233 12.65 15.75 5.78
C ASN B 233 12.68 14.66 4.73
N THR B 234 12.13 14.94 3.54
CA THR B 234 12.08 13.95 2.46
C THR B 234 13.03 14.40 1.36
N ARG B 235 13.94 13.48 0.97
CA ARG B 235 15.14 13.82 0.23
C ARG B 235 15.46 12.70 -0.76
N MET B 236 16.23 13.07 -1.81
CA MET B 236 16.81 12.08 -2.72
C MET B 236 15.75 11.12 -3.28
N GLY B 237 14.64 11.70 -3.73
CA GLY B 237 13.60 10.91 -4.37
C GLY B 237 12.76 10.06 -3.46
N ALA B 238 12.89 10.23 -2.16
CA ALA B 238 12.02 9.54 -1.21
C ALA B 238 10.57 9.92 -1.47
N GLN B 239 9.67 9.00 -1.12
CA GLN B 239 8.22 9.21 -1.16
C GLN B 239 7.72 8.97 0.26
N VAL B 240 7.21 10.03 0.88
CA VAL B 240 6.63 9.92 2.21
C VAL B 240 5.14 10.23 2.14
N ARG B 241 4.37 9.60 2.98
CA ARG B 241 2.96 9.89 3.18
C ARG B 241 2.74 10.11 4.68
N VAL B 242 2.16 11.26 5.02
CA VAL B 242 1.88 11.62 6.40
C VAL B 242 0.39 11.88 6.54
N GLU B 243 -0.29 11.16 7.45
CA GLU B 243 -1.72 11.37 7.57
C GLU B 243 -2.20 11.08 8.97
N SER B 244 -3.36 11.64 9.28
CA SER B 244 -3.97 11.48 10.62
C SER B 244 -2.92 11.70 11.72
N THR B 245 -2.29 12.88 11.66
CA THR B 245 -1.07 13.17 12.42
C THR B 245 -1.19 14.61 12.91
N VAL B 246 -0.58 14.88 14.07
CA VAL B 246 -0.67 16.17 14.72
C VAL B 246 0.71 16.77 14.93
N PHE B 247 0.84 18.05 14.64
CA PHE B 247 2.04 18.83 14.96
C PHE B 247 1.63 19.88 16.00
N ASP B 248 2.17 19.74 17.22
CA ASP B 248 1.81 20.57 18.38
C ASP B 248 3.04 21.36 18.81
N LYS B 249 2.91 22.69 18.84
CA LYS B 249 3.96 23.53 19.36
C LYS B 249 5.31 23.21 18.74
N SER B 250 5.30 22.99 17.42
CA SER B 250 6.46 22.57 16.67
C SER B 250 6.83 23.55 15.57
N THR B 251 8.08 23.43 15.16
CA THR B 251 8.66 24.24 14.10
C THR B 251 7.76 24.34 12.87
N LYS B 252 7.86 25.50 12.22
CA LYS B 252 7.24 25.70 10.92
C LYS B 252 7.67 24.62 9.92
N ASN B 253 8.86 24.06 10.10
CA ASN B 253 9.44 23.05 9.21
C ASN B 253 8.87 21.65 9.51
N GLY B 254 7.58 21.50 9.23
CA GLY B 254 6.87 20.25 9.55
C GLY B 254 7.18 19.11 8.59
N ILE B 255 7.02 19.38 7.30
CA ILE B 255 7.47 18.50 6.25
C ILE B 255 8.23 19.37 5.27
N ILE B 256 9.49 19.01 5.00
CA ILE B 256 10.39 19.79 4.16
C ILE B 256 11.20 18.84 3.28
N SER B 257 11.90 19.45 2.29
CA SER B 257 12.89 18.73 1.48
C SER B 257 14.11 19.61 1.37
N VAL B 258 15.13 19.32 2.19
CA VAL B 258 16.32 20.16 2.25
C VAL B 258 17.58 19.33 2.49
N ASP B 259 18.72 19.97 2.20
CA ASP B 259 20.05 19.52 2.59
C ASP B 259 20.52 18.31 1.79
N SER B 260 19.96 18.12 0.60
CA SER B 260 20.33 17.05 -0.29
CA SER B 260 20.35 17.05 -0.29
C SER B 260 20.44 17.57 -1.71
N LYS B 261 21.13 16.81 -2.53
CA LYS B 261 21.39 17.16 -3.93
C LYS B 261 20.14 17.05 -4.77
N GLU B 262 19.13 16.32 -4.32
CA GLU B 262 17.91 16.13 -5.07
C GLU B 262 16.74 16.15 -4.11
N LYS B 263 15.62 16.61 -4.63
CA LYS B 263 14.43 16.72 -3.80
C LYS B 263 13.81 15.34 -3.54
N GLY B 264 13.07 15.28 -2.43
CA GLY B 264 12.14 14.21 -2.17
C GLY B 264 10.72 14.75 -2.05
N TYR B 265 9.75 13.82 -1.92
CA TYR B 265 8.35 14.17 -2.07
C TYR B 265 7.50 13.68 -0.89
N ALA B 266 6.34 14.30 -0.75
CA ALA B 266 5.40 13.95 0.32
C ALA B 266 3.96 14.08 -0.17
N THR B 267 3.11 13.21 0.38
CA THR B 267 1.68 13.25 0.23
CA THR B 267 1.67 13.32 0.23
C THR B 267 1.07 13.33 1.62
N VAL B 268 0.00 14.10 1.77
CA VAL B 268 -0.55 14.31 3.10
C VAL B 268 -2.06 14.20 3.12
N GLY B 269 -2.57 13.90 4.30
CA GLY B 269 -4.00 13.92 4.54
C GLY B 269 -4.35 14.02 6.01
N ASP B 270 -5.40 14.76 6.32
CA ASP B 270 -5.96 14.81 7.68
C ASP B 270 -4.90 15.13 8.73
N ILE B 271 -4.28 16.31 8.55
CA ILE B 271 -3.22 16.79 9.45
C ILE B 271 -3.77 17.94 10.30
N SER B 272 -3.43 17.92 11.59
CA SER B 272 -3.56 19.10 12.46
C SER B 272 -2.19 19.78 12.48
N TRP B 273 -2.08 20.93 11.84
CA TRP B 273 -0.77 21.54 11.60
C TRP B 273 -0.21 22.33 12.77
N GLY B 274 -1.06 22.94 13.63
CA GLY B 274 -0.55 23.87 14.63
C GLY B 274 0.21 24.97 13.92
N SER B 275 1.44 25.24 14.36
CA SER B 275 2.30 26.23 13.73
C SER B 275 3.23 25.65 12.66
N SER B 276 3.01 24.40 12.26
CA SER B 276 3.87 23.72 11.31
C SER B 276 3.26 23.76 9.91
N THR B 277 4.11 23.59 8.90
CA THR B 277 3.69 23.59 7.51
C THR B 277 4.40 22.52 6.70
N ASN B 278 3.86 22.28 5.50
CA ASN B 278 4.42 21.36 4.53
C ASN B 278 4.93 22.18 3.34
N THR B 279 6.23 22.11 3.07
CA THR B 279 6.85 22.80 1.94
C THR B 279 7.54 21.81 1.01
N ALA B 280 7.29 20.52 1.17
CA ALA B 280 7.90 19.55 0.31
C ALA B 280 7.06 19.40 -0.94
N PRO B 281 7.67 19.04 -2.06
CA PRO B 281 6.87 18.87 -3.29
C PRO B 281 5.96 17.66 -3.20
N LYS B 282 4.84 17.77 -3.94
CA LYS B 282 3.81 16.75 -3.92
C LYS B 282 4.30 15.45 -4.56
N GLY B 283 4.05 14.35 -3.86
CA GLY B 283 4.54 13.05 -4.24
C GLY B 283 3.46 12.12 -4.78
N THR B 284 3.81 10.82 -4.84
CA THR B 284 2.97 9.83 -5.51
C THR B 284 2.42 8.79 -4.54
N LEU B 285 2.76 8.84 -3.26
CA LEU B 285 2.45 7.71 -2.38
C LEU B 285 1.01 7.87 -1.94
N GLY B 286 0.15 7.36 -2.77
CA GLY B 286 -1.25 7.37 -2.45
C GLY B 286 -1.52 6.22 -1.53
N SER B 287 -2.72 6.26 -0.98
CA SER B 287 -3.11 5.24 -0.02
C SER B 287 -3.10 3.84 -0.59
N SER B 288 -3.49 3.63 -1.86
CA SER B 288 -3.71 2.25 -2.35
C SER B 288 -2.41 1.53 -2.73
N ASN B 289 -1.26 2.22 -2.70
CA ASN B 289 0.03 1.63 -2.99
C ASN B 289 0.69 1.11 -1.71
N ILE B 290 -0.03 1.10 -0.59
CA ILE B 290 0.52 0.68 0.70
C ILE B 290 0.11 -0.72 0.93
N PRO B 291 1.01 -1.67 1.15
CA PRO B 291 0.71 -3.07 1.00
C PRO B 291 0.17 -3.76 2.23
N TYR B 292 -0.31 -2.96 3.18
CA TYR B 292 -0.86 -3.50 4.40
C TYR B 292 -2.08 -2.67 4.78
N SER B 293 -2.92 -3.29 5.60
CA SER B 293 -4.07 -2.61 6.17
CA SER B 293 -4.07 -2.60 6.17
C SER B 293 -3.62 -1.72 7.33
N TYR B 294 -4.31 -0.59 7.48
CA TYR B 294 -4.05 0.27 8.63
C TYR B 294 -5.31 0.98 9.05
N ASN B 295 -5.30 1.43 10.29
N ASN B 295 -5.30 1.40 10.30
CA ASN B 295 -6.46 2.05 10.97
CA ASN B 295 -6.46 2.06 10.96
C ASN B 295 -6.12 3.49 11.34
C ASN B 295 -6.10 3.49 11.34
N LEU B 296 -6.70 4.47 10.68
CA LEU B 296 -6.48 5.88 11.01
C LEU B 296 -7.41 6.32 12.13
N TYR B 297 -6.88 7.05 13.10
CA TYR B 297 -7.69 7.48 14.23
C TYR B 297 -8.47 8.75 13.95
N GLY B 298 -8.02 9.57 13.01
CA GLY B 298 -8.55 10.92 12.84
C GLY B 298 -7.74 11.92 13.64
N LYS B 299 -7.38 13.03 13.02
CA LYS B 299 -6.45 13.94 13.65
C LYS B 299 -6.90 14.39 15.03
N ASN B 300 -8.20 14.57 15.26
CA ASN B 300 -8.69 15.07 16.53
C ASN B 300 -8.72 14.01 17.61
N ASN B 301 -8.43 12.75 17.27
CA ASN B 301 -8.44 11.65 18.21
C ASN B 301 -7.07 11.04 18.46
N VAL B 302 -6.05 11.52 17.74
CA VAL B 302 -4.74 10.91 17.84
C VAL B 302 -4.18 11.03 19.26
N LYS B 303 -4.22 12.24 19.82
CA LYS B 303 -3.63 12.40 21.15
C LYS B 303 -4.29 11.51 22.19
N ALA B 304 -5.64 11.46 22.19
CA ALA B 304 -6.35 10.65 23.16
C ALA B 304 -5.96 9.17 23.01
N ARG B 305 -5.70 8.72 21.77
CA ARG B 305 -5.38 7.31 21.51
C ARG B 305 -3.90 6.96 21.64
N VAL B 306 -2.99 7.92 21.57
CA VAL B 306 -1.55 7.67 21.59
C VAL B 306 -0.91 8.08 22.92
N TYR B 307 -1.34 9.20 23.49
CA TYR B 307 -0.77 9.70 24.73
C TYR B 307 -1.03 8.72 25.85
N GLY B 308 0.01 8.26 26.49
CA GLY B 308 -0.20 7.23 27.49
C GLY B 308 -0.26 5.80 26.94
N THR B 309 -0.30 5.63 25.62
CA THR B 309 -0.20 4.31 25.00
C THR B 309 1.19 4.09 24.38
N ALA B 310 1.66 5.10 23.64
CA ALA B 310 2.99 5.00 23.07
C ALA B 310 4.06 4.91 24.16
N GLY B 311 5.06 4.10 23.92
CA GLY B 311 6.14 3.82 24.86
C GLY B 311 5.98 2.46 25.50
N GLN B 312 6.72 2.29 26.60
CA GLN B 312 6.83 1.03 27.30
C GLN B 312 5.65 0.89 28.25
N THR B 313 4.51 0.53 27.70
CA THR B 313 3.26 0.49 28.44
C THR B 313 2.61 -0.89 28.44
N LEU B 314 3.31 -1.92 27.98
CA LEU B 314 2.70 -3.24 27.88
C LEU B 314 2.90 -4.01 29.17
N GLY B 315 1.95 -4.88 29.45
CA GLY B 315 1.98 -5.81 30.60
C GLY B 315 2.00 -7.24 30.09
N PHE B 316 3.01 -8.02 30.42
CA PHE B 316 3.12 -9.45 30.02
C PHE B 316 2.86 -10.31 31.26
CA CA C . -5.70 3.28 -6.60
C1 MAN D . -21.73 -22.09 0.79
C2 MAN D . -21.56 -23.01 -0.42
C3 MAN D . -22.38 -22.38 -1.53
C4 MAN D . -23.81 -22.23 -1.16
C5 MAN D . -23.89 -21.53 0.15
C6 MAN D . -25.33 -21.42 0.62
O2 MAN D . -21.97 -24.36 -0.27
O3 MAN D . -22.28 -23.12 -2.71
O4 MAN D . -24.46 -21.50 -2.17
O5 MAN D . -23.08 -22.23 1.07
O6 MAN D . -25.46 -20.88 1.90
H3 MAN D . -21.97 -21.39 -1.75
H4 MAN D . -24.26 -23.23 -1.05
H5 MAN D . -23.50 -20.51 0.02
H61 MAN D . -25.77 -22.44 0.58
H62 MAN D . -25.86 -20.82 -0.12
HO6 MAN D . -24.61 -20.98 2.35
C1 MAN E . -16.78 -26.50 -3.96
C2 MAN E . -15.87 -27.11 -5.02
C3 MAN E . -16.18 -26.51 -6.37
C4 MAN E . -17.63 -26.55 -6.66
C5 MAN E . -18.38 -25.99 -5.52
C6 MAN E . -19.84 -26.06 -5.79
O2 MAN E . -15.91 -28.51 -5.10
O3 MAN E . -15.47 -27.21 -7.36
O4 MAN E . -17.88 -25.82 -7.83
O5 MAN E . -18.09 -26.66 -4.35
O6 MAN E . -20.45 -25.03 -5.05
H3 MAN E . -15.84 -25.47 -6.41
H4 MAN E . -17.94 -27.61 -6.79
H5 MAN E . -18.11 -24.93 -5.41
H61 MAN E . -20.21 -27.05 -5.49
H62 MAN E . -19.99 -25.94 -6.87
HO6 MAN E . -20.28 -24.19 -5.52
C1 MAN F . -23.41 -15.80 7.62
C2 MAN F . -23.39 -15.97 9.14
C3 MAN F . -22.39 -17.05 9.55
C4 MAN F . -22.59 -18.32 8.74
C5 MAN F . -22.68 -18.01 7.25
C6 MAN F . -22.98 -19.28 6.44
O2 MAN F . -24.69 -16.33 9.60
O3 MAN F . -22.55 -17.34 10.94
O4 MAN F . -21.51 -19.22 8.97
O5 MAN F . -23.70 -17.05 7.01
O6 MAN F . -24.38 -19.57 6.49
H3 MAN F . -21.37 -16.69 9.40
H4 MAN F . -23.55 -18.77 9.05
H5 MAN F . -21.71 -17.62 6.91
H61 MAN F . -22.38 -20.10 6.87
H62 MAN F . -22.63 -19.11 5.41
HO3 MAN F . -23.48 -17.14 11.15
HO4 MAN F . -21.91 -20.10 9.02
HO6 MAN F . -24.51 -20.25 7.17
C1 MAN G . -9.26 -11.54 7.95
C2 MAN G . -9.02 -12.35 9.22
C3 MAN G . -10.07 -12.01 10.28
C4 MAN G . -10.20 -10.50 10.45
C5 MAN G . -10.35 -9.81 9.11
C6 MAN G . -10.41 -8.29 9.28
O2 MAN G . -7.72 -12.07 9.73
O3 MAN G . -9.70 -12.61 11.52
O4 MAN G . -11.34 -10.21 11.28
O5 MAN G . -9.26 -10.15 8.26
O6 MAN G . -11.51 -7.94 10.13
H3 MAN G . -11.03 -12.43 9.98
H4 MAN G . -9.27 -10.13 10.92
H5 MAN G . -11.31 -10.11 8.66
H61 MAN G . -10.50 -7.83 8.29
H62 MAN G . -9.46 -7.98 9.74
HO3 MAN G . -8.73 -12.59 11.54
HO4 MAN G . -12.10 -10.25 10.68
HO6 MAN G . -12.05 -7.30 9.65
C1 MAN H . -16.21 -26.69 -12.63
C2 MAN H . -17.42 -27.47 -13.13
C3 MAN H . -17.91 -28.46 -12.07
C4 MAN H . -16.74 -29.28 -11.52
C5 MAN H . -15.57 -28.39 -11.13
C6 MAN H . -14.38 -29.22 -10.66
O2 MAN H . -17.08 -28.18 -14.33
O3 MAN H . -18.88 -29.33 -12.63
O4 MAN H . -17.18 -30.03 -10.39
O5 MAN H . -15.18 -27.59 -12.25
O6 MAN H . -13.24 -28.37 -10.48
H3 MAN H . -18.35 -27.90 -11.24
H4 MAN H . -16.40 -29.97 -12.31
H5 MAN H . -15.90 -27.74 -10.31
H61 MAN H . -14.15 -29.99 -11.39
H62 MAN H . -14.63 -29.71 -9.71
HO3 MAN H . -19.02 -29.10 -13.56
HO4 MAN H . -16.89 -30.96 -10.48
HO6 MAN H . -12.46 -28.91 -10.34
C1 MAN I . -15.83 -22.14 4.53
C2 MAN I . -16.70 -22.06 5.79
C3 MAN I . -16.47 -20.70 6.41
C4 MAN I . -15.03 -20.56 6.69
C5 MAN I . -14.22 -20.89 5.45
C6 MAN I . -12.76 -20.70 5.76
O2 MAN I . -16.41 -22.96 6.83
O3 MAN I . -17.23 -20.54 7.57
O4 MAN I . -14.82 -19.21 7.09
O5 MAN I . -14.54 -22.19 5.04
O6 MAN I . -11.95 -20.90 4.66
H3 MAN I . -16.78 -19.91 5.70
H4 MAN I . -14.75 -21.26 7.50
H5 MAN I . -14.49 -20.19 4.65
H61 MAN I . -12.51 -21.39 6.58
H62 MAN I . -12.66 -19.69 6.15
HO6 MAN I . -11.85 -21.86 4.54
CA CA J . 23.50 6.37 13.35
C1 PEG K . 24.41 0.43 18.21
O1 PEG K . 23.77 0.39 19.42
C2 PEG K . 23.49 0.44 17.06
O2 PEG K . 23.77 1.56 16.25
C3 PEG K . 24.40 1.27 15.04
C4 PEG K . 24.21 2.40 14.11
O4 PEG K . 23.46 2.05 12.97
H11 PEG K . 24.95 1.20 18.21
H12 PEG K . 24.94 -0.36 18.10
HO1 PEG K . 22.96 0.16 19.31
H21 PEG K . 22.57 0.49 17.37
H22 PEG K . 23.61 -0.37 16.55
H31 PEG K . 23.93 0.55 14.63
H32 PEG K . 25.35 1.06 15.16
H41 PEG K . 23.89 3.08 14.65
H42 PEG K . 25.09 2.66 13.79
HO4 PEG K . 23.82 2.39 12.27
C1 MAN L . 12.20 -15.21 32.42
C2 MAN L . 10.99 -15.64 31.61
C3 MAN L . 9.86 -14.63 31.71
C4 MAN L . 9.58 -14.27 33.18
C5 MAN L . 10.88 -13.93 33.90
C6 MAN L . 10.63 -13.65 35.38
O2 MAN L . 10.53 -16.92 32.06
O3 MAN L . 8.67 -15.16 31.12
O4 MAN L . 8.69 -13.15 33.23
O5 MAN L . 11.81 -15.00 33.78
O6 MAN L . 11.87 -13.52 36.08
H3 MAN L . 10.16 -13.72 31.18
H4 MAN L . 9.13 -15.13 33.66
H5 MAN L . 11.31 -13.02 33.45
H61 MAN L . 10.04 -14.46 35.81
H62 MAN L . 10.05 -12.72 35.48
HO6 MAN L . 12.57 -13.89 35.53
C1 MAN M . 19.31 -10.56 37.01
C2 MAN M . 20.62 -11.07 37.59
C3 MAN M . 20.97 -12.44 37.01
C4 MAN M . 19.79 -13.39 37.11
C5 MAN M . 18.50 -12.74 36.59
C6 MAN M . 17.30 -13.66 36.78
O2 MAN M . 20.52 -11.16 39.01
O3 MAN M . 22.08 -12.99 37.72
O4 MAN M . 20.05 -14.58 36.35
O5 MAN M . 18.28 -11.51 37.27
O6 MAN M . 16.15 -13.09 36.16
H3 MAN M . 21.26 -12.34 35.96
H4 MAN M . 19.63 -13.64 38.17
H5 MAN M . 18.62 -12.55 35.51
H61 MAN M . 17.15 -13.80 37.86
H62 MAN M . 17.56 -14.64 36.34
HO3 MAN M . 22.04 -12.59 38.61
HO4 MAN M . 19.66 -15.31 36.87
HO6 MAN M . 15.38 -13.32 36.71
C1 MAN N . 18.14 -17.92 29.65
C2 MAN N . 18.60 -17.72 31.09
C3 MAN N . 19.69 -16.69 31.13
C4 MAN N . 20.74 -16.96 30.10
C5 MAN N . 20.14 -17.14 28.70
C6 MAN N . 21.15 -17.52 27.63
O2 MAN N . 19.23 -18.93 31.53
O3 MAN N . 20.31 -16.65 32.41
O4 MAN N . 21.61 -15.85 30.08
O5 MAN N . 19.19 -18.23 28.81
O6 MAN N . 20.46 -17.39 26.35
H3 MAN N . 19.26 -15.69 30.94
H4 MAN N . 21.28 -17.88 30.37
H5 MAN N . 19.64 -16.22 28.40
H61 MAN N . 21.49 -18.56 27.79
H62 MAN N . 22.00 -16.86 27.71
HO3 MAN N . 20.24 -17.54 32.76
HO4 MAN N . 21.57 -15.47 30.97
HO6 MAN N . 20.39 -18.28 25.96
C1 MAN O . 2.89 -16.80 20.67
C2 MAN O . 1.56 -17.13 21.33
C3 MAN O . 1.65 -18.42 22.13
C4 MAN O . 2.29 -19.54 21.31
C5 MAN O . 3.58 -19.06 20.66
C6 MAN O . 4.18 -20.15 19.79
O2 MAN O . 0.55 -17.27 20.32
O3 MAN O . 0.34 -18.82 22.55
O4 MAN O . 2.57 -20.65 22.17
O5 MAN O . 3.32 -17.90 19.87
O6 MAN O . 5.61 -20.09 19.85
H3 MAN O . 2.28 -18.24 23.02
H4 MAN O . 1.58 -19.83 20.52
H5 MAN O . 4.30 -18.81 21.45
H61 MAN O . 3.85 -20.01 18.75
H62 MAN O . 3.84 -21.12 20.13
HO6 MAN O . 5.99 -20.75 19.26
C1 MAN P . 9.30 -19.14 25.91
C2 MAN P . 8.79 -19.54 24.55
C3 MAN P . 7.78 -18.49 23.99
C4 MAN P . 6.70 -18.09 25.02
C5 MAN P . 7.40 -17.66 26.33
C6 MAN P . 6.42 -17.27 27.45
O2 MAN P . 8.06 -20.78 24.66
O3 MAN P . 7.10 -19.07 22.88
O4 MAN P . 5.89 -17.01 24.52
O5 MAN P . 8.26 -18.76 26.81
O6 MAN P . 5.83 -18.46 27.95
H3 MAN P . 8.30 -17.59 23.63
H4 MAN P . 6.08 -18.98 25.23
H5 MAN P . 8.03 -16.78 26.11
H61 MAN P . 5.66 -16.58 27.03
H62 MAN P . 6.99 -16.74 28.23
HO3 MAN P . 7.65 -18.88 22.11
HO4 MAN P . 5.01 -17.17 24.88
HO6 MAN P . 6.50 -19.15 27.92
C1 MAN Q . 27.87 -9.78 25.32
C2 MAN Q . 28.77 -10.93 25.79
C3 MAN Q . 29.28 -10.69 27.16
C4 MAN Q . 30.04 -9.42 27.15
C5 MAN Q . 29.12 -8.35 26.61
C6 MAN Q . 29.81 -7.01 26.87
O2 MAN Q . 29.96 -11.00 25.03
O3 MAN Q . 30.12 -11.74 27.63
O4 MAN Q . 30.34 -9.04 28.46
O5 MAN Q . 28.75 -8.68 25.28
O6 MAN Q . 30.47 -6.52 25.73
H3 MAN Q . 28.45 -10.62 27.85
H4 MAN Q . 30.94 -9.50 26.52
H5 MAN Q . 28.22 -8.35 27.23
H61 MAN Q . 30.51 -7.10 27.69
H62 MAN Q . 29.02 -6.31 27.19
HO3 MAN Q . 30.69 -11.94 26.87
HO6 MAN Q . 30.24 -7.09 24.99
#